data_3AKO
#
_entry.id   3AKO
#
_cell.length_a   59.054
_cell.length_b   116.046
_cell.length_c   156.852
_cell.angle_alpha   90.00
_cell.angle_beta   90.00
_cell.angle_gamma   90.00
#
_symmetry.space_group_name_H-M   'P 21 21 21'
#
loop_
_entity.id
_entity.type
_entity.pdbx_description
1 polymer Venus
2 polymer Venus
3 non-polymer 'SULFATE ION'
4 non-polymer 3,6,9,12,15,18,21-HEPTAOXATRICOSANE-1,23-DIOL
5 water water
#
loop_
_entity_poly.entity_id
_entity_poly.type
_entity_poly.pdbx_seq_one_letter_code
_entity_poly.pdbx_strand_id
1 'polypeptide(L)'
;MGHHHHHHHHHHSSGHIERHMVSKGEELFTGVVPILVELDGDVNGHKFSVSGEGEGDATYGKLTLKLICTTGKLPVPWPT
LVTTL(CR2)LQCFARYPDHMKQHDFFKSAMPEGYVQERTIFFKDDGNYKTRAEVKFEGDTLVNRIELKGIDFKEDGNIL
GHKLEYNYNSHNVYITA
;
A,C,E,G
2 'polypeptide(L)'
;MDKQKNGIKANFKIRHNIEDGGVQLADHYQQNTPIGDGPVLLPDNHYLSYQSALSKDPNEKRDHMVLLEFVTAAGITLGM
DELYKLEHHHHHH
;
B,D,F,H
#
# COMPACT_ATOMS: atom_id res chain seq x y z
N MET A 21 -13.81 2.51 42.64
N MET A 21 -14.86 2.96 44.32
CA MET A 21 -13.70 3.05 44.04
CA MET A 21 -13.76 3.43 43.42
C MET A 21 -12.57 4.08 44.27
C MET A 21 -12.60 3.96 44.23
N VAL A 22 -11.40 3.88 43.66
CA VAL A 22 -10.24 4.65 44.10
C VAL A 22 -10.15 5.96 43.30
N SER A 23 -10.38 5.90 42.00
CA SER A 23 -10.46 7.14 41.21
C SER A 23 -11.81 7.11 40.55
N LYS A 24 -12.29 8.28 40.12
CA LYS A 24 -13.50 8.36 39.31
C LYS A 24 -13.31 7.71 37.94
N GLY A 25 -12.11 7.84 37.34
CA GLY A 25 -11.88 7.27 36.02
C GLY A 25 -12.06 5.76 36.00
N GLU A 26 -11.67 5.11 37.10
CA GLU A 26 -11.89 3.69 37.30
C GLU A 26 -13.33 3.26 37.00
N GLU A 27 -14.29 4.12 37.35
CA GLU A 27 -15.73 3.84 37.16
C GLU A 27 -16.05 3.53 35.72
N LEU A 28 -15.29 4.15 34.80
CA LEU A 28 -15.54 4.06 33.37
C LEU A 28 -15.23 2.69 32.74
N PHE A 29 -14.57 1.84 33.52
CA PHE A 29 -14.05 0.56 33.03
C PHE A 29 -14.63 -0.68 33.72
N THR A 30 -15.81 -0.57 34.32
CA THR A 30 -16.33 -1.71 35.10
C THR A 30 -17.03 -2.72 34.19
N GLY A 31 -17.33 -2.33 32.95
CA GLY A 31 -17.88 -3.25 31.96
C GLY A 31 -17.02 -3.29 30.69
N VAL A 32 -17.63 -3.69 29.59
CA VAL A 32 -16.96 -3.82 28.32
C VAL A 32 -16.97 -2.46 27.66
N VAL A 33 -15.82 -1.98 27.25
CA VAL A 33 -15.74 -0.62 26.63
C VAL A 33 -15.40 -0.76 25.14
N PRO A 34 -16.17 -0.14 24.25
CA PRO A 34 -15.73 -0.18 22.85
C PRO A 34 -14.46 0.63 22.60
N ILE A 35 -13.63 0.16 21.67
CA ILE A 35 -12.34 0.78 21.34
C ILE A 35 -12.22 1.08 19.85
N LEU A 36 -11.60 2.23 19.58
CA LEU A 36 -11.21 2.60 18.24
C LEU A 36 -9.72 2.86 18.26
N VAL A 37 -9.01 2.38 17.25
CA VAL A 37 -7.56 2.64 17.11
C VAL A 37 -7.29 3.25 15.75
N GLU A 38 -6.48 4.30 15.71
CA GLU A 38 -6.10 4.86 14.45
C GLU A 38 -4.61 5.20 14.49
N LEU A 39 -3.86 4.73 13.49
CA LEU A 39 -2.42 4.91 13.46
C LEU A 39 -2.01 5.43 12.09
N ASP A 40 -1.18 6.47 12.08
CA ASP A 40 -0.49 6.89 10.86
C ASP A 40 1.00 6.70 11.01
N GLY A 41 1.58 5.97 10.09
CA GLY A 41 2.97 5.60 10.25
C GLY A 41 3.79 5.98 9.06
N ASP A 42 5.08 6.18 9.34
CA ASP A 42 6.05 6.39 8.25
C ASP A 42 7.38 5.72 8.64
N VAL A 43 7.77 4.66 7.95
CA VAL A 43 8.98 3.94 8.34
C VAL A 43 9.93 3.94 7.16
N ASN A 44 11.10 4.55 7.29
CA ASN A 44 12.00 4.68 6.14
C ASN A 44 11.29 5.27 4.90
N GLY A 45 10.32 6.17 5.10
CA GLY A 45 9.63 6.82 3.99
C GLY A 45 8.46 6.02 3.47
N HIS A 46 8.35 4.75 3.89
CA HIS A 46 7.17 3.90 3.62
C HIS A 46 5.98 4.26 4.52
N LYS A 47 5.03 4.99 3.96
CA LYS A 47 3.90 5.45 4.74
C LYS A 47 2.78 4.43 4.72
N PHE A 48 2.00 4.42 5.79
CA PHE A 48 0.89 3.49 5.93
C PHE A 48 -0.10 3.99 6.97
N SER A 49 -1.33 3.51 6.92
CA SER A 49 -2.28 3.77 8.01
C SER A 49 -2.90 2.47 8.43
N VAL A 50 -3.30 2.43 9.70
CA VAL A 50 -3.95 1.28 10.31
C VAL A 50 -5.15 1.80 11.09
N SER A 51 -6.26 1.11 10.91
CA SER A 51 -7.44 1.49 11.65
C SER A 51 -8.08 0.24 12.27
N GLY A 52 -8.55 0.37 13.49
CA GLY A 52 -8.95 -0.79 14.24
C GLY A 52 -10.13 -0.50 15.13
N GLU A 53 -10.87 -1.56 15.42
CA GLU A 53 -11.93 -1.51 16.41
C GLU A 53 -11.99 -2.80 17.22
N GLY A 54 -12.57 -2.72 18.41
CA GLY A 54 -12.91 -3.92 19.16
C GLY A 54 -13.34 -3.50 20.52
N GLU A 55 -12.89 -4.22 21.54
CA GLU A 55 -13.37 -3.90 22.86
C GLU A 55 -12.47 -4.31 23.98
N GLY A 56 -12.67 -3.70 25.12
CA GLY A 56 -11.80 -3.94 26.25
C GLY A 56 -12.61 -4.19 27.51
N ASP A 57 -12.04 -5.00 28.38
CA ASP A 57 -12.75 -5.46 29.56
C ASP A 57 -11.69 -5.49 30.66
N ALA A 58 -11.53 -4.37 31.37
CA ALA A 58 -10.55 -4.24 32.44
C ALA A 58 -10.82 -5.15 33.62
N THR A 59 -12.09 -5.52 33.81
CA THR A 59 -12.42 -6.46 34.90
C THR A 59 -11.69 -7.81 34.74
N TYR A 60 -11.55 -8.24 33.49
CA TYR A 60 -10.84 -9.48 33.16
C TYR A 60 -9.38 -9.24 32.72
N GLY A 61 -9.01 -7.99 32.42
CA GLY A 61 -7.68 -7.66 31.89
C GLY A 61 -7.55 -8.08 30.42
N LYS A 62 -8.59 -7.88 29.64
CA LYS A 62 -8.67 -8.48 28.33
C LYS A 62 -9.05 -7.47 27.26
N LEU A 63 -8.39 -7.52 26.12
CA LEU A 63 -8.84 -6.71 24.99
C LEU A 63 -8.68 -7.42 23.68
N THR A 64 -9.56 -7.08 22.75
CA THR A 64 -9.57 -7.75 21.46
C THR A 64 -9.72 -6.65 20.40
N LEU A 65 -8.95 -6.75 19.32
CA LEU A 65 -8.98 -5.75 18.24
C LEU A 65 -8.79 -6.43 16.91
N LYS A 66 -9.54 -5.97 15.91
CA LYS A 66 -9.21 -6.24 14.55
C LYS A 66 -8.71 -4.94 13.93
N LEU A 67 -7.51 -5.04 13.36
CA LEU A 67 -6.71 -3.91 12.88
C LEU A 67 -6.45 -4.12 11.41
N ILE A 68 -6.80 -3.14 10.58
CA ILE A 68 -6.64 -3.24 9.12
C ILE A 68 -5.65 -2.20 8.64
N CYS A 69 -4.74 -2.61 7.77
CA CYS A 69 -3.91 -1.65 7.05
C CYS A 69 -4.76 -1.00 5.95
N THR A 70 -5.09 0.30 6.09
CA THR A 70 -6.08 0.87 5.17
C THR A 70 -5.44 1.40 3.86
N THR A 71 -4.11 1.41 3.84
CA THR A 71 -3.34 1.95 2.73
C THR A 71 -2.88 0.85 1.80
N GLY A 72 -3.30 -0.39 2.08
CA GLY A 72 -2.95 -1.52 1.21
C GLY A 72 -2.15 -2.58 1.96
N LYS A 73 -0.89 -2.74 1.56
CA LYS A 73 0.07 -3.63 2.18
C LYS A 73 0.84 -2.91 3.31
N LEU A 74 0.85 -3.51 4.52
CA LEU A 74 1.65 -2.99 5.63
C LEU A 74 3.11 -3.23 5.28
N PRO A 75 3.93 -2.18 5.28
CA PRO A 75 5.35 -2.29 4.88
C PRO A 75 6.26 -2.81 6.01
N VAL A 76 5.70 -3.05 7.20
CA VAL A 76 6.50 -3.63 8.29
C VAL A 76 5.70 -4.84 8.81
N PRO A 77 6.34 -5.74 9.58
CA PRO A 77 5.54 -6.85 10.07
C PRO A 77 4.53 -6.41 11.13
N TRP A 78 3.34 -7.02 11.08
CA TRP A 78 2.30 -6.75 12.08
C TRP A 78 2.80 -6.87 13.52
N PRO A 79 3.59 -7.93 13.84
CA PRO A 79 4.08 -8.04 15.23
C PRO A 79 4.79 -6.76 15.73
N THR A 80 5.51 -6.07 14.84
CA THR A 80 6.30 -4.89 15.26
C THR A 80 5.41 -3.73 15.70
N LEU A 81 4.10 -3.79 15.41
CA LEU A 81 3.16 -2.70 15.77
C LEU A 81 2.31 -3.01 16.99
N VAL A 82 2.44 -4.23 17.51
CA VAL A 82 1.53 -4.70 18.55
C VAL A 82 1.61 -3.81 19.78
N THR A 83 2.82 -3.49 20.21
CA THR A 83 2.89 -2.63 21.43
C THR A 83 2.35 -1.23 21.17
N THR A 84 2.47 -0.78 19.93
CA THR A 84 2.01 0.59 19.61
C THR A 84 0.49 0.61 19.57
N LEU A 85 -0.07 -0.38 18.89
CA LEU A 85 -1.54 -0.43 18.68
C LEU A 85 -2.17 -0.89 19.97
N LEU A 87 -2.89 -0.08 25.22
CA LEU A 87 -4.17 0.36 25.86
C LEU A 87 -4.07 -0.14 27.28
N GLN A 88 -3.11 0.40 28.02
CA GLN A 88 -2.81 -0.15 29.32
C GLN A 88 -3.88 0.25 30.36
N CYS A 89 -4.79 1.15 29.98
CA CYS A 89 -5.99 1.36 30.77
C CYS A 89 -6.86 0.08 30.91
N PHE A 90 -6.73 -0.90 30.03
CA PHE A 90 -7.53 -2.10 30.16
C PHE A 90 -6.85 -3.21 30.96
N ALA A 91 -5.70 -2.93 31.57
CA ALA A 91 -5.06 -3.91 32.44
C ALA A 91 -5.99 -4.16 33.62
N ARG A 92 -6.07 -5.40 34.03
CA ARG A 92 -6.71 -5.71 35.28
C ARG A 92 -5.79 -5.27 36.42
N TYR A 93 -6.23 -4.34 37.25
CA TYR A 93 -5.51 -3.96 38.45
C TYR A 93 -6.30 -4.56 39.63
N PRO A 94 -5.92 -5.74 40.11
CA PRO A 94 -6.80 -6.38 41.12
C PRO A 94 -6.51 -5.89 42.52
N ASP A 95 -7.56 -5.85 43.34
CA ASP A 95 -7.42 -5.65 44.78
C ASP A 95 -6.71 -4.34 45.13
N HIS A 96 -5.64 -4.39 45.92
CA HIS A 96 -4.93 -3.22 46.33
C HIS A 96 -4.22 -2.52 45.16
N MET A 97 -4.02 -3.22 44.04
CA MET A 97 -3.41 -2.61 42.83
C MET A 97 -4.24 -1.41 42.36
N LYS A 98 -5.51 -1.37 42.75
CA LYS A 98 -6.39 -0.27 42.35
C LYS A 98 -5.91 1.08 42.86
N GLN A 99 -5.12 1.02 43.94
CA GLN A 99 -4.50 2.20 44.48
C GLN A 99 -3.33 2.67 43.60
N HIS A 100 -2.96 1.90 42.58
CA HIS A 100 -1.75 2.25 41.80
C HIS A 100 -2.03 2.32 40.29
N ASP A 101 -3.28 2.57 39.94
CA ASP A 101 -3.72 2.47 38.55
C ASP A 101 -3.76 3.85 37.94
N PHE A 102 -2.58 4.31 37.49
CA PHE A 102 -2.49 5.61 36.81
C PHE A 102 -3.43 5.69 35.60
N PHE A 103 -3.41 4.66 34.76
CA PHE A 103 -4.07 4.73 33.45
C PHE A 103 -5.53 5.06 33.52
N LYS A 104 -6.28 4.38 34.39
CA LYS A 104 -7.70 4.66 34.49
C LYS A 104 -7.97 6.01 35.19
N SER A 105 -7.14 6.43 36.15
CA SER A 105 -7.40 7.69 36.90
C SER A 105 -7.33 8.94 36.03
N ALA A 106 -6.55 8.87 34.94
CA ALA A 106 -6.40 9.96 33.99
C ALA A 106 -7.62 10.11 33.04
N MET A 107 -8.51 9.13 33.03
CA MET A 107 -9.71 9.15 32.20
C MET A 107 -10.80 10.02 32.85
N PRO A 108 -11.72 10.63 32.07
CA PRO A 108 -11.87 10.41 30.62
C PRO A 108 -11.01 11.34 29.76
N GLU A 109 -10.38 12.36 30.35
CA GLU A 109 -9.54 13.30 29.56
CA GLU A 109 -9.56 13.30 29.55
C GLU A 109 -8.39 12.54 28.92
N GLY A 110 -7.83 11.58 29.67
CA GLY A 110 -6.88 10.61 29.10
C GLY A 110 -5.42 10.95 29.30
N TYR A 111 -4.58 10.33 28.49
CA TYR A 111 -3.14 10.51 28.56
C TYR A 111 -2.44 10.38 27.22
N VAL A 112 -1.26 10.97 27.16
CA VAL A 112 -0.38 10.82 26.04
C VAL A 112 0.63 9.70 26.38
N GLN A 113 0.83 8.80 25.44
CA GLN A 113 1.83 7.75 25.60
C GLN A 113 2.84 7.90 24.51
N GLU A 114 4.10 8.04 24.87
CA GLU A 114 5.16 8.19 23.90
C GLU A 114 6.21 7.14 24.12
N ARG A 115 6.81 6.67 23.01
CA ARG A 115 7.84 5.65 23.07
C ARG A 115 8.91 5.90 22.04
N THR A 116 10.11 5.43 22.36
CA THR A 116 11.07 5.00 21.36
C THR A 116 11.26 3.50 21.49
N ILE A 117 11.30 2.81 20.37
CA ILE A 117 11.45 1.37 20.34
C ILE A 117 12.71 1.11 19.51
N PHE A 118 13.72 0.48 20.11
CA PHE A 118 15.02 0.26 19.43
C PHE A 118 15.10 -1.17 19.03
N PHE A 119 15.09 -1.46 17.73
CA PHE A 119 15.23 -2.81 17.25
C PHE A 119 16.73 -3.15 17.22
N LYS A 120 17.16 -4.17 17.95
CA LYS A 120 18.60 -4.51 18.05
CA LYS A 120 18.61 -4.44 18.03
C LYS A 120 19.18 -4.73 16.65
N ASP A 121 20.23 -3.97 16.31
CA ASP A 121 20.92 -4.12 15.02
C ASP A 121 20.01 -3.70 13.87
N ASP A 122 19.06 -2.82 14.16
CA ASP A 122 18.24 -2.26 13.08
C ASP A 122 17.80 -0.85 13.50
N GLY A 123 16.73 -0.36 12.88
CA GLY A 123 16.24 1.01 13.12
C GLY A 123 15.40 1.08 14.37
N ASN A 124 14.72 2.23 14.55
CA ASN A 124 13.90 2.48 15.73
C ASN A 124 12.57 3.11 15.32
N TYR A 125 11.53 2.87 16.12
CA TYR A 125 10.24 3.54 15.99
C TYR A 125 10.18 4.59 17.07
N LYS A 126 9.57 5.73 16.76
CA LYS A 126 9.16 6.72 17.76
C LYS A 126 7.67 6.94 17.61
N THR A 127 6.96 6.93 18.74
CA THR A 127 5.52 6.97 18.68
C THR A 127 4.98 8.00 19.65
N ARG A 128 3.85 8.57 19.29
CA ARG A 128 3.07 9.43 20.18
C ARG A 128 1.61 9.07 19.96
N ALA A 129 0.91 8.79 21.03
CA ALA A 129 -0.48 8.34 21.01
C ALA A 129 -1.23 9.12 22.06
N GLU A 130 -2.48 9.45 21.78
CA GLU A 130 -3.38 10.00 22.77
C GLU A 130 -4.43 8.93 23.04
N VAL A 131 -4.60 8.58 24.31
CA VAL A 131 -5.52 7.53 24.70
C VAL A 131 -6.55 8.22 25.59
N LYS A 132 -7.80 8.27 25.13
CA LYS A 132 -8.83 9.12 25.78
C LYS A 132 -10.23 8.65 25.36
N PHE A 133 -11.25 9.02 26.14
CA PHE A 133 -12.63 8.78 25.73
C PHE A 133 -13.11 9.85 24.77
N GLU A 134 -13.79 9.40 23.71
CA GLU A 134 -14.48 10.27 22.80
C GLU A 134 -15.89 9.71 22.84
N GLY A 135 -16.74 10.36 23.63
CA GLY A 135 -18.05 9.85 23.95
C GLY A 135 -17.89 8.61 24.79
N ASP A 136 -18.58 7.54 24.40
CA ASP A 136 -18.48 6.29 25.14
CA ASP A 136 -18.58 6.23 25.05
C ASP A 136 -17.40 5.34 24.62
N THR A 137 -16.64 5.77 23.60
CA THR A 137 -15.54 4.97 23.05
C THR A 137 -14.15 5.41 23.51
N LEU A 138 -13.37 4.44 23.95
CA LEU A 138 -11.97 4.66 24.31
C LEU A 138 -11.17 4.66 23.00
N VAL A 139 -10.49 5.76 22.71
CA VAL A 139 -9.80 5.92 21.42
C VAL A 139 -8.29 5.96 21.61
N ASN A 140 -7.55 5.26 20.74
CA ASN A 140 -6.09 5.28 20.74
C ASN A 140 -5.68 5.83 19.36
N ARG A 141 -5.26 7.11 19.36
CA ARG A 141 -4.89 7.84 18.16
CA ARG A 141 -4.89 7.82 18.14
C ARG A 141 -3.39 8.05 18.14
N ILE A 142 -2.69 7.47 17.15
CA ILE A 142 -1.25 7.36 17.21
C ILE A 142 -0.57 7.85 15.95
N GLU A 143 0.60 8.43 16.14
CA GLU A 143 1.54 8.61 15.04
C GLU A 143 2.83 7.90 15.33
N LEU A 144 3.41 7.35 14.28
CA LEU A 144 4.63 6.58 14.35
C LEU A 144 5.63 7.00 13.26
N LYS A 145 6.88 7.17 13.63
CA LYS A 145 7.95 7.38 12.65
C LYS A 145 9.09 6.42 12.89
N GLY A 146 9.50 5.70 11.86
CA GLY A 146 10.67 4.84 11.96
C GLY A 146 11.77 5.22 10.96
N ILE A 147 13.01 5.09 11.41
CA ILE A 147 14.17 5.51 10.63
C ILE A 147 15.28 4.53 10.81
N ASP A 148 16.22 4.55 9.86
CA ASP A 148 17.46 3.76 9.85
C ASP A 148 17.25 2.28 9.76
N PHE A 149 16.14 1.83 9.19
CA PHE A 149 15.92 0.40 9.05
C PHE A 149 16.74 -0.17 7.91
N LYS A 150 17.18 -1.42 8.05
CA LYS A 150 17.91 -2.08 6.97
C LYS A 150 16.87 -2.58 6.00
N GLU A 151 17.08 -2.34 4.68
CA GLU A 151 16.09 -2.79 3.65
C GLU A 151 15.93 -4.33 3.57
N ASP A 152 16.89 -5.08 4.08
CA ASP A 152 16.69 -6.53 4.20
C ASP A 152 17.00 -7.11 5.58
N GLY A 153 16.95 -6.26 6.60
CA GLY A 153 16.88 -6.76 7.97
C GLY A 153 15.51 -7.38 8.24
N ASN A 154 15.27 -7.76 9.48
CA ASN A 154 14.08 -8.50 9.86
C ASN A 154 12.75 -7.75 9.75
N ILE A 155 12.81 -6.42 9.74
CA ILE A 155 11.59 -5.63 9.73
C ILE A 155 11.14 -5.37 8.29
N LEU A 156 11.94 -4.62 7.55
CA LEU A 156 11.62 -4.26 6.17
C LEU A 156 11.69 -5.49 5.29
N GLY A 157 12.48 -6.46 5.68
CA GLY A 157 12.54 -7.72 4.93
C GLY A 157 11.51 -8.71 5.40
N HIS A 158 10.60 -8.34 6.33
CA HIS A 158 9.47 -9.23 6.72
C HIS A 158 9.88 -10.67 7.07
N LYS A 159 10.84 -10.82 7.99
CA LYS A 159 11.33 -12.11 8.43
C LYS A 159 10.90 -12.51 9.85
N LEU A 160 9.85 -11.84 10.37
CA LEU A 160 9.29 -12.22 11.68
C LEU A 160 8.09 -13.11 11.57
N GLU A 161 8.02 -14.10 12.44
CA GLU A 161 6.86 -14.96 12.53
C GLU A 161 5.66 -14.16 13.00
N TYR A 162 4.49 -14.60 12.51
CA TYR A 162 3.23 -14.00 12.85
C TYR A 162 2.78 -14.59 14.19
N ASN A 163 3.40 -14.16 15.28
CA ASN A 163 3.04 -14.59 16.62
C ASN A 163 3.65 -13.66 17.65
N TYR A 164 3.41 -13.96 18.92
CA TYR A 164 3.80 -13.05 20.00
C TYR A 164 3.98 -13.82 21.28
N ASN A 165 4.92 -13.37 22.09
CA ASN A 165 5.26 -14.04 23.34
C ASN A 165 4.80 -13.20 24.52
N SER A 166 5.16 -13.58 25.73
CA SER A 166 4.69 -12.77 26.83
C SER A 166 5.81 -12.00 27.47
N HIS A 167 5.47 -10.84 28.03
CA HIS A 167 6.44 -9.90 28.51
C HIS A 167 5.92 -9.16 29.72
N ASN A 168 6.81 -8.67 30.56
CA ASN A 168 6.41 -7.79 31.69
C ASN A 168 6.82 -6.36 31.39
N VAL A 169 5.88 -5.43 31.54
CA VAL A 169 6.12 -4.01 31.30
C VAL A 169 6.31 -3.39 32.66
N TYR A 170 7.54 -2.93 32.96
CA TYR A 170 7.88 -2.40 34.29
C TYR A 170 7.57 -0.90 34.38
N ILE A 171 6.74 -0.57 35.35
CA ILE A 171 6.23 0.80 35.47
C ILE A 171 6.87 1.43 36.68
N THR A 172 7.28 2.68 36.51
CA THR A 172 7.75 3.49 37.63
C THR A 172 7.26 4.94 37.52
N ALA A 173 7.09 5.64 38.64
CA ALA A 173 6.77 7.07 38.58
C ALA A 173 7.83 7.97 39.29
N ASP B 2 9.23 16.70 30.50
CA ASP B 2 7.75 16.98 30.34
C ASP B 2 6.79 15.84 29.92
N LYS B 3 7.32 14.79 29.28
CA LYS B 3 6.46 13.67 28.79
C LYS B 3 6.03 12.62 29.84
N GLN B 4 6.54 12.74 31.07
CA GLN B 4 6.11 11.91 32.20
C GLN B 4 5.69 12.77 33.41
N LYS B 5 5.36 14.03 33.13
CA LYS B 5 4.99 14.95 34.18
CA LYS B 5 4.97 14.99 34.14
C LYS B 5 3.61 14.57 34.74
N ASN B 6 3.55 14.42 36.06
CA ASN B 6 2.36 13.91 36.73
C ASN B 6 1.94 12.56 36.12
N GLY B 7 2.96 11.77 35.76
CA GLY B 7 2.80 10.54 35.01
C GLY B 7 3.75 9.42 35.33
N ILE B 8 3.96 8.55 34.34
CA ILE B 8 4.77 7.36 34.56
C ILE B 8 5.74 7.16 33.43
N LYS B 9 6.70 6.28 33.67
CA LYS B 9 7.50 5.79 32.61
C LYS B 9 7.51 4.27 32.68
N ALA B 10 7.78 3.66 31.55
CA ALA B 10 7.97 2.21 31.52
C ALA B 10 9.14 1.82 30.63
N ASN B 11 9.72 0.66 30.90
CA ASN B 11 10.79 0.13 30.09
C ASN B 11 10.55 -1.39 29.96
N PHE B 12 10.84 -1.95 28.79
CA PHE B 12 10.67 -3.41 28.63
C PHE B 12 11.28 -3.87 27.31
N LYS B 13 11.39 -5.18 27.14
CA LYS B 13 12.02 -5.72 25.96
C LYS B 13 11.15 -6.77 25.27
N ILE B 14 10.74 -6.51 24.05
CA ILE B 14 9.95 -7.46 23.27
C ILE B 14 10.87 -8.47 22.56
N ARG B 15 10.47 -9.73 22.58
CA ARG B 15 11.14 -10.78 21.83
C ARG B 15 10.26 -11.15 20.65
N HIS B 16 10.66 -10.72 19.46
CA HIS B 16 10.00 -11.09 18.22
C HIS B 16 10.68 -12.36 17.67
N ASN B 17 9.98 -13.48 17.56
CA ASN B 17 10.54 -14.66 16.88
C ASN B 17 10.81 -14.47 15.37
N ILE B 18 12.02 -14.86 14.94
CA ILE B 18 12.45 -14.76 13.52
C ILE B 18 12.08 -16.05 12.77
N GLU B 19 11.55 -15.95 11.55
CA GLU B 19 11.21 -17.16 10.78
C GLU B 19 12.45 -18.05 10.66
N ASP B 20 12.28 -19.34 10.97
CA ASP B 20 13.40 -20.33 10.87
C ASP B 20 14.46 -20.13 11.96
N GLY B 21 14.03 -19.68 13.13
CA GLY B 21 14.91 -19.63 14.30
C GLY B 21 15.55 -18.29 14.57
N GLY B 22 15.74 -17.99 15.87
CA GLY B 22 16.35 -16.75 16.30
C GLY B 22 15.29 -15.79 16.87
N VAL B 23 15.75 -14.74 17.52
CA VAL B 23 14.87 -13.78 18.16
C VAL B 23 15.37 -12.39 17.77
N GLN B 24 14.44 -11.52 17.36
CA GLN B 24 14.68 -10.10 17.12
C GLN B 24 14.23 -9.31 18.35
N LEU B 25 15.15 -8.61 18.99
CA LEU B 25 14.87 -7.82 20.17
C LEU B 25 14.36 -6.40 19.83
N ALA B 26 13.36 -5.93 20.58
CA ALA B 26 12.88 -4.54 20.46
C ALA B 26 12.81 -3.96 21.87
N ASP B 27 13.74 -3.05 22.17
CA ASP B 27 13.83 -2.43 23.48
C ASP B 27 12.90 -1.18 23.56
N HIS B 28 11.91 -1.21 24.45
CA HIS B 28 10.93 -0.15 24.52
C HIS B 28 11.21 0.83 25.67
N TYR B 29 11.20 2.12 25.40
CA TYR B 29 11.19 3.13 26.47
C TYR B 29 9.92 3.91 26.34
N GLN B 30 9.22 4.12 27.45
CA GLN B 30 7.88 4.70 27.43
C GLN B 30 7.70 5.79 28.46
N GLN B 31 6.96 6.84 28.08
CA GLN B 31 6.52 7.90 29.02
C GLN B 31 5.05 8.24 28.79
N ASN B 32 4.30 8.35 29.89
CA ASN B 32 2.93 8.74 29.85
C ASN B 32 2.74 9.97 30.68
N THR B 33 1.90 10.88 30.18
CA THR B 33 1.51 12.03 30.95
C THR B 33 0.03 12.31 30.77
N PRO B 34 -0.65 12.68 31.86
CA PRO B 34 -2.08 12.90 31.67
C PRO B 34 -2.31 14.03 30.63
N ILE B 35 -3.43 13.96 29.92
CA ILE B 35 -3.84 15.06 29.04
C ILE B 35 -4.39 16.21 29.86
N GLY B 36 -5.17 15.89 30.91
CA GLY B 36 -5.61 16.90 31.88
C GLY B 36 -4.54 17.36 32.87
N ASP B 37 -4.89 18.38 33.64
CA ASP B 37 -3.97 18.92 34.67
C ASP B 37 -4.35 18.42 36.07
N GLY B 38 -5.46 17.69 36.19
CA GLY B 38 -5.95 17.23 37.51
C GLY B 38 -5.11 16.13 38.17
N PRO B 39 -5.45 15.77 39.42
CA PRO B 39 -4.81 14.69 40.19
C PRO B 39 -4.98 13.30 39.52
N VAL B 40 -3.98 12.43 39.66
CA VAL B 40 -4.09 11.08 39.12
C VAL B 40 -3.45 10.18 40.16
N LEU B 41 -3.54 8.86 40.00
CA LEU B 41 -2.85 8.00 40.94
C LEU B 41 -1.41 7.86 40.44
N LEU B 42 -0.44 8.13 41.31
CA LEU B 42 0.95 7.99 40.96
C LEU B 42 1.45 6.71 41.62
N PRO B 43 1.71 5.67 40.84
CA PRO B 43 1.87 4.35 41.49
C PRO B 43 3.24 4.12 42.07
N ASP B 44 3.33 3.21 43.02
CA ASP B 44 4.63 2.60 43.35
C ASP B 44 5.04 1.70 42.20
N ASN B 45 6.32 1.39 42.14
CA ASN B 45 6.89 0.49 41.11
C ASN B 45 6.15 -0.83 41.03
N HIS B 46 5.88 -1.26 39.79
CA HIS B 46 5.12 -2.50 39.59
C HIS B 46 5.25 -2.90 38.14
N TYR B 47 4.61 -3.98 37.75
CA TYR B 47 4.68 -4.38 36.33
C TYR B 47 3.33 -4.83 35.81
N LEU B 48 3.14 -4.73 34.50
CA LEU B 48 2.00 -5.34 33.84
C LEU B 48 2.45 -6.60 33.16
N SER B 49 1.80 -7.69 33.49
CA SER B 49 2.10 -8.97 32.84
C SER B 49 1.30 -9.01 31.53
N TYR B 50 1.98 -9.04 30.40
CA TYR B 50 1.26 -9.09 29.12
C TYR B 50 1.37 -10.46 28.48
N GLN B 51 0.31 -10.90 27.82
CA GLN B 51 0.34 -12.08 26.95
C GLN B 51 -0.50 -11.66 25.78
N SER B 52 -0.11 -12.11 24.59
CA SER B 52 -0.81 -11.67 23.36
C SER B 52 -0.91 -12.79 22.35
N ALA B 53 -1.96 -12.76 21.53
CA ALA B 53 -2.13 -13.77 20.47
C ALA B 53 -2.60 -13.08 19.19
N LEU B 54 -1.87 -13.33 18.11
CA LEU B 54 -2.17 -12.71 16.83
C LEU B 54 -2.86 -13.69 15.94
N SER B 55 -4.00 -13.31 15.38
CA SER B 55 -4.69 -14.20 14.48
C SER B 55 -5.12 -13.52 13.18
N LYS B 56 -5.85 -14.25 12.32
CA LYS B 56 -6.46 -13.68 11.10
C LYS B 56 -7.94 -14.01 11.03
N ASP B 57 -8.74 -13.09 10.53
CA ASP B 57 -10.13 -13.37 10.24
C ASP B 57 -10.15 -14.08 8.88
N PRO B 58 -10.60 -15.36 8.83
CA PRO B 58 -10.48 -16.12 7.57
C PRO B 58 -11.29 -15.48 6.40
N ASN B 59 -12.29 -14.69 6.76
CA ASN B 59 -13.12 -13.98 5.81
C ASN B 59 -12.60 -12.60 5.40
N GLU B 60 -11.46 -12.18 5.97
CA GLU B 60 -10.96 -10.83 5.67
C GLU B 60 -9.89 -10.91 4.60
N LYS B 61 -10.09 -10.24 3.46
CA LYS B 61 -9.09 -10.18 2.39
C LYS B 61 -8.05 -9.03 2.53
N ARG B 62 -8.36 -7.99 3.30
CA ARG B 62 -7.39 -6.94 3.50
C ARG B 62 -6.22 -7.40 4.39
N ASP B 63 -5.10 -6.72 4.27
CA ASP B 63 -3.97 -6.99 5.16
C ASP B 63 -4.44 -6.54 6.54
N HIS B 64 -4.45 -7.47 7.50
CA HIS B 64 -5.00 -7.17 8.83
C HIS B 64 -4.35 -8.04 9.93
N MET B 65 -4.63 -7.66 11.17
CA MET B 65 -4.27 -8.44 12.34
C MET B 65 -5.41 -8.45 13.34
N VAL B 66 -5.75 -9.65 13.83
CA VAL B 66 -6.62 -9.78 15.00
C VAL B 66 -5.67 -9.95 16.17
N LEU B 67 -5.85 -9.12 17.19
CA LEU B 67 -5.00 -9.09 18.35
C LEU B 67 -5.81 -9.30 19.62
N LEU B 68 -5.41 -10.31 20.38
CA LEU B 68 -5.89 -10.47 21.74
C LEU B 68 -4.74 -10.18 22.73
N GLU B 69 -5.05 -9.38 23.73
CA GLU B 69 -4.12 -9.21 24.83
C GLU B 69 -4.77 -9.53 26.15
N PHE B 70 -3.99 -10.16 27.05
CA PHE B 70 -4.38 -10.36 28.43
C PHE B 70 -3.39 -9.67 29.34
N VAL B 71 -3.87 -8.81 30.21
CA VAL B 71 -2.95 -7.96 30.95
C VAL B 71 -3.38 -7.79 32.37
N THR B 72 -2.49 -8.13 33.30
CA THR B 72 -2.76 -8.04 34.76
C THR B 72 -1.57 -7.39 35.45
N ALA B 73 -1.86 -6.41 36.31
CA ALA B 73 -0.83 -5.70 37.09
C ALA B 73 -0.38 -6.58 38.22
N ALA B 74 0.88 -6.48 38.62
CA ALA B 74 1.40 -7.28 39.71
C ALA B 74 2.65 -6.64 40.27
N GLY B 75 3.31 -7.31 41.19
CA GLY B 75 4.61 -6.84 41.66
C GLY B 75 4.53 -5.93 42.87
N ILE B 76 3.34 -5.64 43.37
CA ILE B 76 3.24 -4.95 44.68
C ILE B 76 2.59 -5.91 45.67
N THR B 77 3.25 -6.12 46.78
CA THR B 77 2.72 -7.08 47.74
C THR B 77 1.96 -6.33 48.80
N LEU B 78 0.99 -7.03 49.37
CA LEU B 78 0.22 -6.55 50.48
C LEU B 78 1.04 -6.74 51.74
N GLY B 79 0.95 -5.79 52.67
CA GLY B 79 1.68 -5.98 53.92
C GLY B 79 3.15 -5.65 53.75
N MET B 80 4.00 -6.30 54.53
CA MET B 80 5.36 -5.79 54.71
C MET B 80 6.44 -6.34 53.78
N ASP B 81 7.45 -5.51 53.53
CA ASP B 81 8.75 -5.95 53.00
C ASP B 81 9.71 -4.77 52.81
N LYS C 24 2.96 42.34 -9.76
CA LYS C 24 2.12 41.80 -8.66
C LYS C 24 2.28 40.28 -8.73
N GLY C 25 1.16 39.55 -8.81
CA GLY C 25 1.19 38.11 -8.88
C GLY C 25 2.00 37.56 -10.04
N GLU C 26 1.71 38.05 -11.27
CA GLU C 26 2.45 37.64 -12.50
C GLU C 26 3.96 37.65 -12.30
N GLU C 27 4.47 38.66 -11.60
CA GLU C 27 5.93 38.85 -11.45
C GLU C 27 6.62 37.61 -10.91
N LEU C 28 5.89 36.83 -10.11
CA LEU C 28 6.43 35.62 -9.46
C LEU C 28 6.62 34.44 -10.44
N PHE C 29 6.15 34.63 -11.67
CA PHE C 29 6.20 33.58 -12.68
C PHE C 29 7.05 33.85 -13.92
N THR C 30 7.95 34.81 -13.80
CA THR C 30 8.82 35.21 -14.90
C THR C 30 9.90 34.15 -15.20
N GLY C 31 10.31 33.39 -14.18
CA GLY C 31 11.26 32.28 -14.41
C GLY C 31 10.71 30.88 -14.11
N VAL C 32 11.63 29.95 -13.88
CA VAL C 32 11.29 28.59 -13.51
C VAL C 32 10.98 28.62 -12.01
N VAL C 33 9.85 28.04 -11.60
CA VAL C 33 9.41 28.05 -10.19
C VAL C 33 9.39 26.62 -9.69
N PRO C 34 10.03 26.33 -8.54
CA PRO C 34 9.99 24.96 -8.02
C PRO C 34 8.61 24.57 -7.48
N ILE C 35 8.26 23.31 -7.67
CA ILE C 35 6.94 22.88 -7.24
C ILE C 35 7.03 21.77 -6.23
N LEU C 36 6.16 21.81 -5.24
CA LEU C 36 5.97 20.69 -4.36
C LEU C 36 4.49 20.25 -4.35
N VAL C 37 4.25 18.93 -4.38
CA VAL C 37 2.88 18.42 -4.34
C VAL C 37 2.68 17.35 -3.21
N GLU C 38 1.64 17.49 -2.40
CA GLU C 38 1.30 16.46 -1.41
CA GLU C 38 1.28 16.42 -1.42
C GLU C 38 -0.19 16.14 -1.58
N LEU C 39 -0.52 14.87 -1.72
CA LEU C 39 -1.92 14.46 -1.77
C LEU C 39 -2.15 13.39 -0.71
N ASP C 40 -3.25 13.54 0.04
CA ASP C 40 -3.80 12.44 0.84
C ASP C 40 -5.14 12.05 0.30
N GLY C 41 -5.31 10.78 0.03
CA GLY C 41 -6.49 10.26 -0.65
C GLY C 41 -7.15 9.11 0.09
N ASP C 42 -8.44 8.96 -0.15
CA ASP C 42 -9.16 7.82 0.37
C ASP C 42 -10.27 7.52 -0.66
N VAL C 43 -10.14 6.40 -1.38
CA VAL C 43 -11.12 6.03 -2.39
C VAL C 43 -11.77 4.68 -1.99
N ASN C 44 -13.06 4.71 -1.64
CA ASN C 44 -13.82 3.55 -1.17
C ASN C 44 -13.14 2.91 0.04
N GLY C 45 -12.53 3.71 0.88
CA GLY C 45 -11.83 3.22 2.07
C GLY C 45 -10.36 2.86 1.85
N HIS C 46 -9.94 2.76 0.59
CA HIS C 46 -8.54 2.55 0.22
C HIS C 46 -7.77 3.85 0.27
N LYS C 47 -6.98 4.02 1.32
CA LYS C 47 -6.23 5.25 1.55
C LYS C 47 -4.89 5.22 0.83
N PHE C 48 -4.32 6.40 0.54
CA PHE C 48 -3.02 6.50 -0.15
C PHE C 48 -2.46 7.89 0.02
N SER C 49 -1.15 8.05 -0.11
CA SER C 49 -0.52 9.35 -0.20
C SER C 49 0.38 9.37 -1.42
N VAL C 50 0.52 10.58 -1.98
CA VAL C 50 1.39 10.86 -3.11
C VAL C 50 2.18 12.12 -2.76
N SER C 51 3.49 12.09 -3.03
CA SER C 51 4.35 13.24 -2.90
C SER C 51 4.97 13.47 -4.24
N GLY C 52 5.14 14.74 -4.60
CA GLY C 52 5.82 15.03 -5.82
C GLY C 52 6.61 16.31 -5.75
N GLU C 53 7.47 16.49 -6.74
CA GLU C 53 8.25 17.68 -6.90
C GLU C 53 8.60 17.85 -8.37
N GLY C 54 8.88 19.09 -8.74
CA GLY C 54 9.27 19.40 -10.12
C GLY C 54 9.36 20.89 -10.24
N GLU C 55 8.99 21.43 -11.40
CA GLU C 55 9.06 22.87 -11.60
C GLU C 55 8.11 23.30 -12.69
N GLY C 56 7.76 24.57 -12.69
CA GLY C 56 6.84 25.05 -13.73
C GLY C 56 7.43 26.27 -14.39
N ASP C 57 6.95 26.61 -15.57
CA ASP C 57 7.50 27.75 -16.29
C ASP C 57 6.37 28.35 -17.09
N ALA C 58 5.69 29.35 -16.50
CA ALA C 58 4.53 30.00 -17.14
C ALA C 58 4.92 30.72 -18.42
N THR C 59 6.14 31.24 -18.45
CA THR C 59 6.71 31.89 -19.67
C THR C 59 6.54 30.96 -20.86
N TYR C 60 6.82 29.68 -20.64
CA TYR C 60 6.68 28.66 -21.66
CA TYR C 60 6.66 28.71 -21.68
C TYR C 60 5.26 28.09 -21.68
N GLY C 61 4.58 28.10 -20.54
CA GLY C 61 3.31 27.36 -20.46
C GLY C 61 3.55 25.86 -20.25
N LYS C 62 4.34 25.48 -19.25
CA LYS C 62 4.61 24.08 -18.99
CA LYS C 62 4.64 24.08 -18.99
C LYS C 62 4.96 23.78 -17.54
N LEU C 63 4.85 22.52 -17.16
CA LEU C 63 5.31 22.07 -15.87
C LEU C 63 5.68 20.60 -15.98
N THR C 64 6.53 20.19 -15.04
CA THR C 64 7.11 18.85 -14.97
C THR C 64 7.04 18.41 -13.52
N LEU C 65 6.46 17.25 -13.29
CA LEU C 65 6.38 16.66 -11.97
C LEU C 65 6.75 15.19 -12.03
N LYS C 66 7.43 14.72 -10.98
CA LYS C 66 7.61 13.31 -10.71
C LYS C 66 6.83 13.02 -9.43
N LEU C 67 5.85 12.12 -9.47
CA LEU C 67 4.97 11.87 -8.31
C LEU C 67 5.11 10.43 -7.89
N ILE C 68 5.23 10.21 -6.60
CA ILE C 68 5.49 8.89 -6.03
C ILE C 68 4.36 8.50 -5.10
N CYS C 69 3.86 7.27 -5.20
CA CYS C 69 2.92 6.78 -4.18
C CYS C 69 3.75 6.35 -2.97
N THR C 70 3.66 7.12 -1.89
CA THR C 70 4.51 6.86 -0.76
C THR C 70 3.93 5.80 0.20
N THR C 71 2.68 5.40 0.00
CA THR C 71 2.07 4.36 0.82
C THR C 71 2.10 2.99 0.18
N GLY C 72 2.85 2.84 -0.91
CA GLY C 72 3.00 1.51 -1.51
C GLY C 72 2.46 1.48 -2.90
N LYS C 73 1.45 0.65 -3.14
CA LYS C 73 0.77 0.62 -4.43
C LYS C 73 -0.45 1.59 -4.46
N LEU C 74 -0.59 2.34 -5.56
CA LEU C 74 -1.71 3.26 -5.74
C LEU C 74 -2.97 2.43 -6.02
N PRO C 75 -4.06 2.64 -5.25
CA PRO C 75 -5.21 1.76 -5.46
C PRO C 75 -6.13 2.27 -6.56
N VAL C 76 -5.76 3.37 -7.23
CA VAL C 76 -6.46 3.83 -8.42
C VAL C 76 -5.45 4.06 -9.55
N PRO C 77 -5.91 4.11 -10.82
CA PRO C 77 -4.97 4.38 -11.92
C PRO C 77 -4.41 5.82 -11.84
N TRP C 78 -3.10 5.96 -12.02
CA TRP C 78 -2.45 7.27 -12.05
C TRP C 78 -3.16 8.32 -12.93
N PRO C 79 -3.60 7.93 -14.14
CA PRO C 79 -4.34 8.89 -14.95
C PRO C 79 -5.50 9.60 -14.26
N THR C 80 -6.22 8.93 -13.36
CA THR C 80 -7.41 9.51 -12.74
C THR C 80 -7.01 10.63 -11.74
N LEU C 81 -5.71 10.77 -11.48
CA LEU C 81 -5.18 11.69 -10.49
C LEU C 81 -4.48 12.89 -11.14
N VAL C 82 -4.22 12.79 -12.47
CA VAL C 82 -3.51 13.86 -13.20
C VAL C 82 -4.12 15.25 -12.94
N THR C 83 -5.43 15.38 -13.00
CA THR C 83 -6.05 16.73 -12.96
C THR C 83 -5.94 17.30 -11.54
N THR C 84 -5.93 16.40 -10.55
CA THR C 84 -5.88 16.81 -9.14
C THR C 84 -4.43 17.25 -8.77
N LEU C 85 -3.47 16.44 -9.15
CA LEU C 85 -2.05 16.67 -8.87
C LEU C 85 -1.48 17.81 -9.71
N LEU C 87 -2.23 22.79 -11.24
CA LEU C 87 -1.46 24.00 -11.15
C LEU C 87 -1.67 24.96 -12.32
N GLN C 88 -2.87 25.53 -12.38
CA GLN C 88 -3.27 26.25 -13.56
C GLN C 88 -2.59 27.61 -13.65
N CYS C 89 -1.90 27.99 -12.56
CA CYS C 89 -1.08 29.21 -12.52
C CYS C 89 0.14 29.18 -13.43
N PHE C 90 0.46 28.01 -13.97
CA PHE C 90 1.56 27.89 -14.94
C PHE C 90 1.13 27.96 -16.40
N ALA C 91 -0.16 28.21 -16.64
CA ALA C 91 -0.66 28.51 -17.98
C ALA C 91 0.05 29.71 -18.60
N ARG C 92 0.36 29.64 -19.91
CA ARG C 92 0.80 30.87 -20.57
C ARG C 92 -0.41 31.62 -21.12
N TYR C 93 -0.66 32.83 -20.62
CA TYR C 93 -1.74 33.68 -21.14
C TYR C 93 -1.19 34.61 -22.19
N PRO C 94 -1.78 34.62 -23.41
CA PRO C 94 -1.36 35.63 -24.43
C PRO C 94 -1.50 37.05 -23.90
N ASP C 95 -0.75 37.97 -24.51
CA ASP C 95 -0.66 39.34 -24.04
C ASP C 95 -2.04 39.98 -23.92
N HIS C 96 -2.92 39.74 -24.88
CA HIS C 96 -4.23 40.44 -24.89
C HIS C 96 -5.16 39.81 -23.85
N MET C 97 -4.69 38.78 -23.17
CA MET C 97 -5.58 38.06 -22.24
C MET C 97 -5.05 38.07 -20.84
N LYS C 98 -3.93 38.75 -20.60
CA LYS C 98 -3.30 38.67 -19.29
C LYS C 98 -4.17 39.17 -18.15
N GLN C 99 -5.08 40.12 -18.46
CA GLN C 99 -6.10 40.61 -17.52
C GLN C 99 -7.09 39.55 -17.06
N HIS C 100 -7.10 38.39 -17.73
CA HIS C 100 -8.01 37.29 -17.33
C HIS C 100 -7.37 36.18 -16.49
N ASP C 101 -6.11 36.36 -16.11
CA ASP C 101 -5.39 35.34 -15.37
C ASP C 101 -5.64 35.46 -13.84
N PHE C 102 -6.76 34.89 -13.40
CA PHE C 102 -7.11 34.84 -11.99
C PHE C 102 -5.96 34.20 -11.22
N PHE C 103 -5.43 33.13 -11.80
CA PHE C 103 -4.52 32.26 -11.05
C PHE C 103 -3.27 32.94 -10.52
N LYS C 104 -2.55 33.67 -11.38
CA LYS C 104 -1.33 34.32 -10.92
C LYS C 104 -1.66 35.51 -10.02
N SER C 105 -2.80 36.17 -10.28
CA SER C 105 -3.15 37.40 -9.53
C SER C 105 -3.39 37.08 -8.05
N ALA C 106 -3.86 35.86 -7.78
CA ALA C 106 -4.03 35.38 -6.40
C ALA C 106 -2.73 35.14 -5.62
N MET C 107 -1.58 35.18 -6.29
CA MET C 107 -0.33 34.79 -5.64
C MET C 107 0.35 36.04 -5.09
N PRO C 108 1.22 35.89 -4.08
CA PRO C 108 1.75 34.63 -3.54
C PRO C 108 0.80 33.97 -2.53
N GLU C 109 -0.24 34.67 -2.10
CA GLU C 109 -1.03 34.06 -1.04
C GLU C 109 -1.87 32.87 -1.50
N GLY C 110 -2.25 32.84 -2.78
CA GLY C 110 -2.79 31.64 -3.37
C GLY C 110 -4.29 31.49 -3.39
N TYR C 111 -4.75 30.30 -3.79
CA TYR C 111 -6.16 29.98 -3.87
C TYR C 111 -6.46 28.54 -3.41
N VAL C 112 -7.73 28.32 -3.03
CA VAL C 112 -8.23 27.00 -2.77
C VAL C 112 -8.84 26.52 -4.06
N GLN C 113 -8.45 25.32 -4.50
CA GLN C 113 -9.06 24.72 -5.66
C GLN C 113 -9.88 23.50 -5.23
N GLU C 114 -11.16 23.52 -5.55
CA GLU C 114 -12.04 22.40 -5.20
C GLU C 114 -12.63 21.80 -6.44
N ARG C 115 -12.79 20.47 -6.43
CA ARG C 115 -13.47 19.83 -7.51
C ARG C 115 -14.40 18.76 -6.98
N THR C 116 -15.41 18.50 -7.81
CA THR C 116 -16.07 17.20 -7.82
C THR C 116 -15.89 16.62 -9.22
N ILE C 117 -15.41 15.38 -9.28
CA ILE C 117 -15.15 14.68 -10.54
C ILE C 117 -16.12 13.51 -10.62
N PHE C 118 -17.00 13.52 -11.63
CA PHE C 118 -18.00 12.46 -11.78
C PHE C 118 -17.53 11.51 -12.86
N PHE C 119 -17.09 10.31 -12.45
CA PHE C 119 -16.70 9.30 -13.43
C PHE C 119 -17.99 8.65 -13.93
N LYS C 120 -18.23 8.77 -15.23
CA LYS C 120 -19.46 8.24 -15.79
C LYS C 120 -19.62 6.74 -15.55
N ASP C 121 -20.79 6.35 -15.03
CA ASP C 121 -21.12 4.95 -14.74
C ASP C 121 -20.27 4.43 -13.57
N ASP C 122 -19.68 5.35 -12.81
CA ASP C 122 -18.88 4.94 -11.67
C ASP C 122 -18.95 5.95 -10.51
N GLY C 123 -17.99 5.89 -9.59
CA GLY C 123 -17.95 6.78 -8.44
C GLY C 123 -17.48 8.21 -8.72
N ASN C 124 -17.35 9.01 -7.65
CA ASN C 124 -16.83 10.37 -7.77
C ASN C 124 -15.65 10.66 -6.83
N TYR C 125 -14.74 11.56 -7.25
CA TYR C 125 -13.75 12.15 -6.35
C TYR C 125 -14.19 13.54 -5.95
N LYS C 126 -13.97 13.87 -4.68
CA LYS C 126 -14.09 15.24 -4.23
C LYS C 126 -12.74 15.65 -3.73
N THR C 127 -12.26 16.84 -4.14
CA THR C 127 -10.92 17.29 -3.76
C THR C 127 -10.91 18.72 -3.25
N ARG C 128 -9.97 19.01 -2.35
CA ARG C 128 -9.74 20.37 -1.89
C ARG C 128 -8.26 20.48 -1.88
N ALA C 129 -7.75 21.49 -2.57
CA ALA C 129 -6.30 21.75 -2.63
C ALA C 129 -6.04 23.16 -2.26
N GLU C 130 -4.90 23.39 -1.65
CA GLU C 130 -4.41 24.73 -1.51
C GLU C 130 -3.16 24.90 -2.34
N VAL C 131 -3.18 25.92 -3.19
CA VAL C 131 -2.02 26.22 -4.03
C VAL C 131 -1.53 27.61 -3.74
N LYS C 132 -0.30 27.66 -3.25
CA LYS C 132 0.24 28.89 -2.69
C LYS C 132 1.78 28.82 -2.57
N PHE C 133 2.43 29.97 -2.51
CA PHE C 133 3.85 29.96 -2.25
C PHE C 133 4.13 29.66 -0.82
N GLU C 134 5.14 28.81 -0.58
CA GLU C 134 5.72 28.60 0.75
C GLU C 134 7.19 28.95 0.55
N GLY C 135 7.55 30.19 0.89
CA GLY C 135 8.81 30.78 0.41
C GLY C 135 8.87 30.93 -1.12
N ASP C 136 9.90 30.35 -1.72
CA ASP C 136 10.06 30.47 -3.18
CA ASP C 136 10.20 30.40 -3.16
C ASP C 136 9.48 29.28 -3.94
N THR C 137 8.87 28.35 -3.21
CA THR C 137 8.29 27.14 -3.80
C THR C 137 6.77 27.22 -3.85
N LEU C 138 6.19 26.90 -5.00
CA LEU C 138 4.76 26.82 -5.15
C LEU C 138 4.33 25.43 -4.68
N VAL C 139 3.41 25.39 -3.74
CA VAL C 139 2.98 24.12 -3.13
C VAL C 139 1.53 23.87 -3.45
N ASN C 140 1.23 22.65 -3.87
CA ASN C 140 -0.15 22.17 -4.11
C ASN C 140 -0.43 21.05 -3.09
N ARG C 141 -1.17 21.36 -2.04
CA ARG C 141 -1.47 20.40 -0.94
C ARG C 141 -2.93 20.00 -1.04
N ILE C 142 -3.21 18.73 -1.25
CA ILE C 142 -4.54 18.24 -1.61
C ILE C 142 -5.04 17.15 -0.68
N GLU C 143 -6.35 17.16 -0.47
CA GLU C 143 -7.09 16.03 0.09
C GLU C 143 -8.08 15.52 -0.93
N LEU C 144 -8.15 14.21 -1.08
CA LEU C 144 -9.13 13.63 -1.99
C LEU C 144 -9.95 12.55 -1.29
N LYS C 145 -11.26 12.57 -1.50
CA LYS C 145 -12.12 11.52 -1.02
C LYS C 145 -12.96 11.05 -2.20
N GLY C 146 -12.90 9.74 -2.48
CA GLY C 146 -13.71 9.14 -3.52
C GLY C 146 -14.66 8.08 -2.96
N ILE C 147 -15.87 8.02 -3.51
CA ILE C 147 -16.90 7.06 -3.06
C ILE C 147 -17.72 6.50 -4.20
N ASP C 148 -18.42 5.38 -3.90
CA ASP C 148 -19.39 4.74 -4.78
C ASP C 148 -18.74 4.18 -6.01
N PHE C 149 -17.44 3.89 -5.95
CA PHE C 149 -16.80 3.24 -7.07
C PHE C 149 -17.17 1.78 -7.15
N LYS C 150 -17.22 1.26 -8.38
CA LYS C 150 -17.46 -0.19 -8.55
C LYS C 150 -16.13 -0.94 -8.37
N GLU C 151 -16.19 -2.10 -7.71
CA GLU C 151 -15.04 -2.97 -7.40
CA GLU C 151 -14.97 -2.81 -7.38
C GLU C 151 -14.29 -3.35 -8.67
N ASP C 152 -15.06 -3.75 -9.68
CA ASP C 152 -14.47 -4.07 -10.99
C ASP C 152 -14.88 -3.14 -12.13
N GLY C 153 -15.15 -1.88 -11.79
CA GLY C 153 -15.23 -0.83 -12.82
C GLY C 153 -13.84 -0.42 -13.32
N ASN C 154 -13.79 0.57 -14.20
CA ASN C 154 -12.49 0.96 -14.81
C ASN C 154 -11.44 1.57 -13.91
N ILE C 155 -11.88 2.03 -12.75
CA ILE C 155 -11.03 2.78 -11.86
C ILE C 155 -10.46 1.73 -10.90
N LEU C 156 -11.30 1.15 -10.04
CA LEU C 156 -10.80 0.19 -9.05
C LEU C 156 -10.28 -1.13 -9.62
N GLY C 157 -10.72 -1.51 -10.82
CA GLY C 157 -10.15 -2.68 -11.50
C GLY C 157 -9.00 -2.36 -12.45
N HIS C 158 -8.46 -1.14 -12.36
CA HIS C 158 -7.27 -0.73 -13.12
C HIS C 158 -7.39 -1.10 -14.60
N LYS C 159 -8.40 -0.58 -15.27
CA LYS C 159 -8.63 -0.90 -16.68
C LYS C 159 -8.27 0.28 -17.63
N LEU C 160 -7.56 1.29 -17.12
CA LEU C 160 -7.25 2.52 -17.89
C LEU C 160 -5.84 2.46 -18.44
N GLU C 161 -5.67 2.85 -19.70
CA GLU C 161 -4.33 2.90 -20.30
C GLU C 161 -3.53 3.98 -19.58
N TYR C 162 -2.22 3.76 -19.46
CA TYR C 162 -1.32 4.71 -18.86
C TYR C 162 -0.98 5.72 -19.91
N ASN C 163 -1.87 6.70 -20.11
CA ASN C 163 -1.64 7.77 -21.05
C ASN C 163 -2.65 8.87 -20.78
N TYR C 164 -2.62 9.85 -21.66
CA TYR C 164 -3.47 11.03 -21.50
C TYR C 164 -3.71 11.75 -22.82
N ASN C 165 -4.85 12.42 -22.92
CA ASN C 165 -5.24 13.17 -24.12
C ASN C 165 -5.28 14.65 -23.83
N SER C 166 -5.51 15.45 -24.87
CA SER C 166 -5.64 16.90 -24.74
C SER C 166 -7.04 17.32 -24.38
N HIS C 167 -7.16 18.27 -23.46
CA HIS C 167 -8.49 18.80 -23.13
C HIS C 167 -8.44 20.30 -22.97
N ASN C 168 -9.59 20.93 -23.14
CA ASN C 168 -9.83 22.33 -22.79
C ASN C 168 -10.57 22.48 -21.46
N VAL C 169 -9.99 23.28 -20.58
CA VAL C 169 -10.57 23.59 -19.30
C VAL C 169 -11.31 24.92 -19.44
N TYR C 170 -12.64 24.88 -19.42
CA TYR C 170 -13.48 26.08 -19.64
C TYR C 170 -13.69 26.87 -18.37
N ILE C 171 -13.15 28.09 -18.35
CA ILE C 171 -13.20 28.94 -17.17
C ILE C 171 -14.33 29.95 -17.29
N THR C 172 -15.02 30.13 -16.17
CA THR C 172 -16.02 31.16 -16.02
C THR C 172 -15.87 31.87 -14.66
N ALA C 173 -16.32 33.12 -14.58
CA ALA C 173 -16.25 33.88 -13.32
C ALA C 173 -17.36 33.41 -12.40
N ASN D 6 -14.11 38.06 -6.43
CA ASN D 6 -13.72 36.99 -5.44
C ASN D 6 -13.19 35.72 -6.16
N GLY D 7 -14.03 34.80 -6.62
CA GLY D 7 -13.54 33.52 -7.15
C GLY D 7 -13.92 33.14 -8.58
N ILE D 8 -13.49 31.97 -9.07
CA ILE D 8 -13.81 31.53 -10.45
C ILE D 8 -14.24 30.06 -10.49
N LYS D 9 -14.81 29.63 -11.61
CA LYS D 9 -15.15 28.23 -11.81
C LYS D 9 -14.63 27.69 -13.14
N ALA D 10 -14.64 26.37 -13.27
CA ALA D 10 -14.28 25.76 -14.53
C ALA D 10 -15.00 24.44 -14.67
N ASN D 11 -15.18 24.03 -15.91
CA ASN D 11 -15.78 22.73 -16.13
C ASN D 11 -15.10 22.13 -17.32
N PHE D 12 -14.95 20.81 -17.32
CA PHE D 12 -14.35 20.14 -18.47
C PHE D 12 -14.61 18.65 -18.37
N LYS D 13 -14.34 17.95 -19.46
CA LYS D 13 -14.62 16.53 -19.54
C LYS D 13 -13.37 15.82 -19.99
N ILE D 14 -12.79 15.02 -19.08
CA ILE D 14 -11.62 14.19 -19.39
C ILE D 14 -12.02 12.85 -20.01
N ARG D 15 -11.24 12.44 -21.02
CA ARG D 15 -11.44 11.15 -21.66
C ARG D 15 -10.25 10.27 -21.32
N HIS D 16 -10.47 9.29 -20.43
CA HIS D 16 -9.43 8.30 -20.15
C HIS D 16 -9.59 7.09 -21.05
N ASN D 17 -8.60 6.82 -21.90
CA ASN D 17 -8.66 5.62 -22.74
C ASN D 17 -8.59 4.35 -21.90
N ILE D 18 -9.50 3.42 -22.22
CA ILE D 18 -9.64 2.11 -21.54
C ILE D 18 -8.85 1.09 -22.34
N GLU D 19 -8.16 0.19 -21.64
CA GLU D 19 -7.38 -0.86 -22.27
C GLU D 19 -8.25 -1.71 -23.17
N ASP D 20 -7.77 -1.94 -24.39
CA ASP D 20 -8.50 -2.71 -25.40
C ASP D 20 -9.73 -2.01 -25.97
N GLY D 21 -9.75 -0.68 -25.86
CA GLY D 21 -10.70 0.16 -26.58
C GLY D 21 -11.77 0.78 -25.72
N GLY D 22 -12.26 1.93 -26.14
CA GLY D 22 -13.33 2.60 -25.41
C GLY D 22 -12.74 3.66 -24.52
N VAL D 23 -13.62 4.43 -23.88
CA VAL D 23 -13.21 5.61 -23.13
C VAL D 23 -14.04 5.74 -21.83
N GLN D 24 -13.35 6.06 -20.74
CA GLN D 24 -13.98 6.38 -19.47
C GLN D 24 -13.99 7.89 -19.38
N LEU D 25 -15.19 8.45 -19.25
CA LEU D 25 -15.36 9.89 -19.12
C LEU D 25 -15.36 10.29 -17.68
N ALA D 26 -14.83 11.48 -17.41
CA ALA D 26 -14.75 12.02 -16.05
C ALA D 26 -15.11 13.50 -16.13
N ASP D 27 -16.34 13.85 -15.73
CA ASP D 27 -16.82 15.21 -15.81
C ASP D 27 -16.28 15.96 -14.62
N HIS D 28 -15.52 17.02 -14.87
CA HIS D 28 -14.91 17.83 -13.85
C HIS D 28 -15.68 19.12 -13.63
N TYR D 29 -15.86 19.49 -12.36
CA TYR D 29 -16.39 20.79 -12.00
C TYR D 29 -15.45 21.34 -10.93
N GLN D 30 -15.12 22.63 -11.03
CA GLN D 30 -14.01 23.17 -10.27
C GLN D 30 -14.41 24.51 -9.77
N GLN D 31 -13.83 24.90 -8.63
CA GLN D 31 -13.95 26.27 -8.16
C GLN D 31 -12.64 26.73 -7.54
N ASN D 32 -12.27 27.98 -7.77
CA ASN D 32 -11.04 28.50 -7.17
C ASN D 32 -11.41 29.71 -6.40
N THR D 33 -10.90 29.80 -5.18
CA THR D 33 -11.23 30.91 -4.27
C THR D 33 -9.95 31.41 -3.67
N PRO D 34 -9.67 32.72 -3.80
CA PRO D 34 -8.39 33.29 -3.32
C PRO D 34 -8.23 33.09 -1.83
N ILE D 35 -7.03 32.79 -1.36
CA ILE D 35 -6.82 32.60 0.07
C ILE D 35 -6.62 33.96 0.76
N GLY D 36 -6.09 34.93 0.00
CA GLY D 36 -5.69 36.23 0.52
C GLY D 36 -6.78 37.25 0.31
N ASP D 37 -6.58 38.48 0.79
CA ASP D 37 -7.64 39.49 0.77
C ASP D 37 -7.32 40.55 -0.28
N GLY D 38 -6.15 40.45 -0.90
CA GLY D 38 -5.77 41.30 -2.03
C GLY D 38 -6.76 41.23 -3.20
N PRO D 39 -6.75 42.23 -4.10
CA PRO D 39 -7.63 42.16 -5.27
C PRO D 39 -7.13 41.11 -6.23
N VAL D 40 -8.05 40.44 -6.92
CA VAL D 40 -7.67 39.43 -7.90
C VAL D 40 -8.36 39.80 -9.20
N LEU D 41 -7.92 39.22 -10.30
CA LEU D 41 -8.55 39.45 -11.59
C LEU D 41 -9.78 38.55 -11.76
N LEU D 42 -10.86 39.18 -12.24
CA LEU D 42 -12.09 38.49 -12.61
C LEU D 42 -12.09 38.33 -14.10
N PRO D 43 -11.91 37.09 -14.60
CA PRO D 43 -11.84 36.91 -16.04
C PRO D 43 -13.20 36.86 -16.75
N ASP D 44 -13.21 37.29 -18.02
CA ASP D 44 -14.24 36.83 -18.96
C ASP D 44 -14.05 35.35 -19.22
N ASN D 45 -15.08 34.71 -19.77
CA ASN D 45 -14.99 33.33 -20.20
C ASN D 45 -13.83 33.07 -21.21
N HIS D 46 -13.12 31.98 -20.97
CA HIS D 46 -12.05 31.58 -21.86
C HIS D 46 -11.75 30.17 -21.44
N TYR D 47 -10.70 29.59 -22.00
CA TYR D 47 -10.28 28.24 -21.64
C TYR D 47 -8.79 28.05 -21.57
N LEU D 48 -8.39 26.98 -20.90
CA LEU D 48 -6.98 26.55 -20.86
C LEU D 48 -6.82 25.28 -21.69
N SER D 49 -5.95 25.34 -22.67
CA SER D 49 -5.72 24.21 -23.53
C SER D 49 -4.57 23.44 -22.92
N TYR D 50 -4.88 22.23 -22.48
CA TYR D 50 -3.93 21.35 -21.80
C TYR D 50 -3.51 20.23 -22.72
N GLN D 51 -2.23 19.85 -22.68
CA GLN D 51 -1.80 18.55 -23.16
C GLN D 51 -0.91 17.94 -22.08
N SER D 52 -0.90 16.63 -21.99
CA SER D 52 -0.24 15.98 -20.90
C SER D 52 0.33 14.71 -21.45
N ALA D 53 1.45 14.30 -20.88
CA ALA D 53 2.10 13.08 -21.25
C ALA D 53 2.61 12.41 -19.96
N LEU D 54 2.28 11.13 -19.80
CA LEU D 54 2.66 10.37 -18.64
C LEU D 54 3.76 9.40 -18.98
N SER D 55 4.75 9.32 -18.10
CA SER D 55 5.87 8.44 -18.34
C SER D 55 6.35 7.77 -17.03
N LYS D 56 7.42 6.99 -17.10
CA LYS D 56 7.99 6.32 -15.94
C LYS D 56 9.47 6.64 -15.91
N ASP D 57 10.02 6.86 -14.72
CA ASP D 57 11.46 7.00 -14.55
C ASP D 57 12.01 5.59 -14.50
N PRO D 58 12.76 5.16 -15.54
CA PRO D 58 13.16 3.74 -15.61
C PRO D 58 14.02 3.28 -14.40
N ASN D 59 14.65 4.21 -13.70
CA ASN D 59 15.41 3.88 -12.49
C ASN D 59 14.58 3.87 -11.19
N GLU D 60 13.35 4.39 -11.24
CA GLU D 60 12.50 4.49 -10.05
C GLU D 60 11.74 3.20 -9.76
N LYS D 61 11.90 2.65 -8.57
CA LYS D 61 11.30 1.37 -8.26
C LYS D 61 9.91 1.52 -7.63
N ARG D 62 9.64 2.65 -6.98
CA ARG D 62 8.34 2.87 -6.34
C ARG D 62 7.25 3.09 -7.40
N ASP D 63 5.99 2.91 -6.99
CA ASP D 63 4.85 3.19 -7.85
C ASP D 63 4.85 4.70 -8.01
N HIS D 64 4.84 5.16 -9.27
CA HIS D 64 5.10 6.56 -9.57
C HIS D 64 4.59 6.97 -10.92
N MET D 65 4.53 8.28 -11.11
CA MET D 65 4.16 8.84 -12.42
C MET D 65 5.02 10.06 -12.71
N VAL D 66 5.61 10.09 -13.90
CA VAL D 66 6.22 11.34 -14.38
C VAL D 66 5.17 12.01 -15.25
N LEU D 67 4.92 13.29 -14.97
CA LEU D 67 3.89 14.06 -15.66
C LEU D 67 4.44 15.34 -16.26
N LEU D 68 4.30 15.49 -17.58
CA LEU D 68 4.55 16.76 -18.22
CA LEU D 68 4.57 16.77 -18.23
C LEU D 68 3.23 17.33 -18.71
N GLU D 69 3.03 18.64 -18.49
CA GLU D 69 1.85 19.34 -18.96
C GLU D 69 2.29 20.57 -19.72
N PHE D 70 1.58 20.87 -20.80
CA PHE D 70 1.73 22.09 -21.53
C PHE D 70 0.41 22.78 -21.53
N VAL D 71 0.40 24.05 -21.13
CA VAL D 71 -0.80 24.79 -20.91
C VAL D 71 -0.73 26.19 -21.46
N THR D 72 -1.73 26.54 -22.28
CA THR D 72 -1.83 27.85 -22.92
C THR D 72 -3.29 28.31 -22.84
N ALA D 73 -3.51 29.59 -22.55
CA ALA D 73 -4.87 30.14 -22.45
C ALA D 73 -5.32 30.52 -23.86
N ALA D 74 -6.61 30.32 -24.15
CA ALA D 74 -7.23 30.69 -25.42
C ALA D 74 -8.73 30.97 -25.19
N GLY D 75 -9.50 31.00 -26.28
CA GLY D 75 -10.92 31.23 -26.25
C GLY D 75 -11.38 32.68 -26.27
N ILE D 76 -10.44 33.62 -26.20
CA ILE D 76 -10.73 35.03 -26.37
C ILE D 76 -9.89 35.46 -27.57
N THR D 77 -10.60 35.64 -28.69
CA THR D 77 -10.05 36.02 -29.98
C THR D 77 -9.47 37.43 -29.92
N LEU D 78 -8.23 37.61 -30.37
CA LEU D 78 -7.76 38.94 -30.77
C LEU D 78 -8.24 39.22 -32.19
N GLY D 79 -8.74 40.44 -32.44
CA GLY D 79 -9.34 40.73 -33.74
C GLY D 79 -10.66 39.98 -33.96
N MET D 80 -10.93 39.58 -35.19
CA MET D 80 -12.24 39.02 -35.55
C MET D 80 -12.10 37.81 -36.44
N ASP D 81 -12.92 36.79 -36.19
CA ASP D 81 -13.28 35.66 -37.11
C ASP D 81 -13.43 34.31 -36.41
N LYS E 24 -13.88 -36.60 5.80
CA LYS E 24 -15.22 -36.94 6.39
C LYS E 24 -15.34 -36.44 7.85
N GLY E 25 -14.41 -36.86 8.71
CA GLY E 25 -14.32 -36.33 10.08
C GLY E 25 -14.09 -34.83 10.09
N GLU E 26 -13.46 -34.31 9.05
CA GLU E 26 -13.35 -32.88 8.83
C GLU E 26 -14.69 -32.12 8.99
N GLU E 27 -15.80 -32.72 8.56
CA GLU E 27 -17.08 -31.99 8.58
C GLU E 27 -17.64 -31.74 9.97
N LEU E 28 -17.12 -32.48 10.95
CA LEU E 28 -17.52 -32.33 12.35
C LEU E 28 -17.05 -31.00 12.95
N PHE E 29 -16.16 -30.32 12.24
CA PHE E 29 -15.47 -29.16 12.77
C PHE E 29 -15.84 -27.83 12.10
N THR E 30 -16.71 -27.87 11.09
CA THR E 30 -17.05 -26.64 10.34
C THR E 30 -17.70 -25.56 11.19
N GLY E 31 -18.31 -25.95 12.31
CA GLY E 31 -18.90 -25.01 13.30
C GLY E 31 -18.17 -24.93 14.64
N VAL E 32 -18.80 -24.31 15.62
CA VAL E 32 -18.29 -24.22 16.99
C VAL E 32 -18.60 -25.55 17.77
N VAL E 33 -17.60 -26.14 18.39
CA VAL E 33 -17.76 -27.46 18.99
C VAL E 33 -17.54 -27.43 20.52
N PRO E 34 -18.56 -27.81 21.33
CA PRO E 34 -18.31 -27.85 22.78
C PRO E 34 -17.21 -28.84 23.17
N ILE E 35 -16.48 -28.54 24.22
CA ILE E 35 -15.34 -29.35 24.60
C ILE E 35 -15.46 -29.70 26.07
N LEU E 36 -15.10 -30.93 26.42
CA LEU E 36 -14.98 -31.32 27.83
CA LEU E 36 -14.96 -31.28 27.82
C LEU E 36 -13.56 -31.82 28.06
N VAL E 37 -12.93 -31.41 29.16
CA VAL E 37 -11.60 -31.90 29.48
C VAL E 37 -11.58 -32.53 30.87
N GLU E 38 -10.95 -33.69 31.01
CA GLU E 38 -10.76 -34.26 32.34
C GLU E 38 -9.40 -34.90 32.46
N LEU E 39 -8.73 -34.60 33.56
CA LEU E 39 -7.40 -35.10 33.80
C LEU E 39 -7.29 -35.64 35.23
N ASP E 40 -6.69 -36.82 35.36
CA ASP E 40 -6.27 -37.32 36.65
C ASP E 40 -4.77 -37.43 36.61
N GLY E 41 -4.11 -36.82 37.59
CA GLY E 41 -2.67 -36.71 37.55
C GLY E 41 -2.08 -37.10 38.87
N ASP E 42 -0.83 -37.55 38.82
CA ASP E 42 -0.06 -37.81 39.99
C ASP E 42 1.38 -37.37 39.73
N VAL E 43 1.87 -36.43 40.50
CA VAL E 43 3.23 -35.94 40.28
C VAL E 43 3.96 -36.09 41.61
N ASN E 44 5.03 -36.91 41.61
CA ASN E 44 5.79 -37.25 42.83
C ASN E 44 4.84 -37.67 43.96
N GLY E 45 3.75 -38.37 43.62
CA GLY E 45 2.82 -38.80 44.65
C GLY E 45 1.68 -37.85 45.01
N HIS E 46 1.78 -36.56 44.64
CA HIS E 46 0.64 -35.64 44.85
C HIS E 46 -0.43 -35.88 43.78
N LYS E 47 -1.58 -36.36 44.23
CA LYS E 47 -2.66 -36.80 43.36
C LYS E 47 -3.55 -35.57 43.09
N PHE E 48 -3.95 -35.33 41.85
CA PHE E 48 -4.83 -34.19 41.57
C PHE E 48 -5.74 -34.47 40.39
N SER E 49 -6.84 -33.73 40.35
CA SER E 49 -7.76 -33.77 39.25
C SER E 49 -8.12 -32.40 38.68
N VAL E 50 -8.22 -32.37 37.35
CA VAL E 50 -8.61 -31.16 36.65
C VAL E 50 -9.73 -31.48 35.72
N SER E 51 -10.71 -30.59 35.75
CA SER E 51 -11.88 -30.77 34.95
C SER E 51 -12.22 -29.44 34.25
N GLY E 52 -12.60 -29.48 32.98
CA GLY E 52 -12.86 -28.25 32.29
C GLY E 52 -13.78 -28.34 31.09
N GLU E 53 -14.25 -27.18 30.66
CA GLU E 53 -15.07 -27.08 29.48
C GLU E 53 -14.87 -25.78 28.68
N GLY E 54 -15.38 -25.80 27.47
CA GLY E 54 -15.33 -24.65 26.61
C GLY E 54 -15.69 -25.07 25.21
N GLU E 55 -15.08 -24.41 24.23
CA GLU E 55 -15.39 -24.69 22.83
C GLU E 55 -14.24 -24.43 21.89
N GLY E 56 -14.30 -25.06 20.74
CA GLY E 56 -13.25 -24.86 19.76
C GLY E 56 -13.88 -24.51 18.45
N ASP E 57 -13.12 -23.80 17.64
CA ASP E 57 -13.58 -23.34 16.34
C ASP E 57 -12.42 -23.51 15.41
N ALA E 58 -12.38 -24.64 14.74
CA ALA E 58 -11.28 -25.00 13.87
C ALA E 58 -11.21 -24.16 12.58
N THR E 59 -12.33 -23.57 12.15
CA THR E 59 -12.35 -22.79 10.88
C THR E 59 -11.51 -21.53 11.08
N TYR E 60 -11.62 -20.99 12.29
CA TYR E 60 -10.83 -19.89 12.76
C TYR E 60 -9.46 -20.32 13.32
N GLY E 61 -9.39 -21.52 13.90
CA GLY E 61 -8.15 -22.01 14.50
C GLY E 61 -7.98 -21.67 15.99
N LYS E 62 -9.04 -21.77 16.75
CA LYS E 62 -8.94 -21.32 18.10
C LYS E 62 -9.78 -22.17 19.04
N LEU E 63 -9.39 -22.15 20.32
CA LEU E 63 -10.21 -22.77 21.34
C LEU E 63 -10.08 -22.04 22.63
N THR E 64 -11.13 -22.18 23.46
CA THR E 64 -11.24 -21.55 24.79
C THR E 64 -11.65 -22.62 25.82
N LEU E 65 -11.02 -22.57 26.98
CA LEU E 65 -11.25 -23.54 28.01
C LEU E 65 -11.16 -22.83 29.34
N LYS E 66 -11.98 -23.24 30.28
CA LYS E 66 -11.80 -22.88 31.67
C LYS E 66 -11.59 -24.21 32.43
N LEU E 67 -10.44 -24.36 33.09
CA LEU E 67 -10.02 -25.65 33.66
C LEU E 67 -9.89 -25.44 35.14
N ILE E 68 -10.54 -26.30 35.95
CA ILE E 68 -10.56 -26.13 37.40
C ILE E 68 -9.88 -27.33 38.08
N CYS E 69 -9.07 -27.05 39.10
CA CYS E 69 -8.55 -28.12 39.91
C CYS E 69 -9.64 -28.53 40.91
N THR E 70 -10.22 -29.69 40.69
CA THR E 70 -11.34 -30.13 41.53
C THR E 70 -10.90 -30.79 42.83
N THR E 71 -9.60 -30.99 43.02
CA THR E 71 -9.13 -31.57 44.26
C THR E 71 -8.42 -30.58 45.19
N GLY E 72 -8.56 -29.28 44.95
CA GLY E 72 -7.99 -28.27 45.85
C GLY E 72 -6.94 -27.43 45.13
N LYS E 73 -5.85 -27.14 45.81
CA LYS E 73 -4.76 -26.41 45.18
C LYS E 73 -4.05 -27.33 44.17
N LEU E 74 -3.75 -26.81 42.98
CA LEU E 74 -2.99 -27.58 41.98
C LEU E 74 -1.54 -27.74 42.45
N PRO E 75 -1.03 -28.98 42.49
CA PRO E 75 0.29 -29.20 43.05
C PRO E 75 1.42 -28.84 42.09
N VAL E 76 1.10 -28.51 40.83
CA VAL E 76 2.16 -28.06 39.91
C VAL E 76 1.71 -26.75 39.31
N PRO E 77 2.62 -26.01 38.64
CA PRO E 77 2.13 -24.76 37.99
C PRO E 77 1.21 -25.02 36.78
N TRP E 78 0.13 -24.27 36.68
CA TRP E 78 -0.77 -24.35 35.51
C TRP E 78 -0.05 -24.34 34.17
N PRO E 79 0.94 -23.46 33.97
CA PRO E 79 1.54 -23.48 32.64
C PRO E 79 2.05 -24.86 32.25
N THR E 80 2.53 -25.67 33.21
CA THR E 80 3.09 -26.99 32.84
C THR E 80 2.08 -28.02 32.31
N LEU E 81 0.79 -27.71 32.45
CA LEU E 81 -0.28 -28.61 32.05
C LEU E 81 -0.97 -28.11 30.79
N VAL E 82 -0.69 -26.87 30.39
CA VAL E 82 -1.25 -26.37 29.11
C VAL E 82 -1.18 -27.36 27.92
N THR E 83 -0.01 -27.93 27.62
CA THR E 83 0.06 -28.77 26.40
C THR E 83 -0.73 -30.07 26.60
N THR E 84 -0.83 -30.51 27.85
CA THR E 84 -1.58 -31.74 28.17
C THR E 84 -3.06 -31.54 28.05
N LEU E 85 -3.54 -30.42 28.59
CA LEU E 85 -4.97 -30.13 28.63
C LEU E 85 -5.45 -29.77 27.24
N LEU E 87 -5.71 -30.52 21.98
CA LEU E 87 -6.90 -30.55 21.13
C LEU E 87 -6.45 -30.04 19.78
N GLN E 88 -5.47 -30.74 19.19
CA GLN E 88 -4.89 -30.31 17.92
C GLN E 88 -5.84 -30.44 16.73
N CYS E 89 -6.97 -31.12 16.96
CA CYS E 89 -8.08 -31.15 16.02
C CYS E 89 -8.73 -29.76 15.81
N PHE E 90 -8.44 -28.79 16.69
CA PHE E 90 -8.97 -27.43 16.47
C PHE E 90 -8.08 -26.48 15.68
N ALA E 91 -6.99 -27.03 15.15
CA ALA E 91 -6.08 -26.30 14.28
C ALA E 91 -6.77 -25.94 12.98
N ARG E 92 -6.47 -24.73 12.50
CA ARG E 92 -6.89 -24.36 11.17
C ARG E 92 -5.89 -24.86 10.15
N TYR E 93 -6.31 -25.80 9.31
CA TYR E 93 -5.46 -26.16 8.20
C TYR E 93 -5.93 -25.36 6.99
N PRO E 94 -5.01 -24.61 6.36
CA PRO E 94 -5.29 -24.00 5.05
C PRO E 94 -5.69 -25.07 4.02
N ASP E 95 -6.50 -24.70 3.02
CA ASP E 95 -7.02 -25.66 1.99
C ASP E 95 -5.94 -26.46 1.27
N HIS E 96 -4.81 -25.82 0.97
CA HIS E 96 -3.73 -26.55 0.34
C HIS E 96 -3.06 -27.59 1.26
N MET E 97 -3.52 -27.66 2.53
CA MET E 97 -2.94 -28.59 3.50
C MET E 97 -3.94 -29.55 4.09
N LYS E 98 -5.20 -29.37 3.72
CA LYS E 98 -6.31 -30.22 4.15
C LYS E 98 -6.04 -31.73 4.22
N GLN E 99 -5.19 -32.22 3.33
CA GLN E 99 -4.95 -33.67 3.16
C GLN E 99 -3.91 -34.14 4.17
N HIS E 100 -3.41 -33.18 4.95
CA HIS E 100 -2.42 -33.44 5.98
C HIS E 100 -2.97 -33.30 7.42
N ASP E 101 -4.29 -33.31 7.55
CA ASP E 101 -4.91 -33.14 8.83
C ASP E 101 -5.31 -34.50 9.44
N PHE E 102 -4.33 -35.17 10.05
CA PHE E 102 -4.55 -36.47 10.67
C PHE E 102 -5.69 -36.35 11.69
N PHE E 103 -5.66 -35.24 12.45
CA PHE E 103 -6.43 -35.10 13.70
C PHE E 103 -7.92 -35.17 13.48
N LYS E 104 -8.41 -34.41 12.48
CA LYS E 104 -9.86 -34.39 12.27
C LYS E 104 -10.26 -35.71 11.61
N SER E 105 -9.35 -36.26 10.82
CA SER E 105 -9.75 -37.35 9.99
C SER E 105 -10.03 -38.58 10.85
N ALA E 106 -9.48 -38.60 12.07
CA ALA E 106 -9.68 -39.68 13.02
C ALA E 106 -11.04 -39.63 13.71
N MET E 107 -11.78 -38.55 13.49
CA MET E 107 -13.03 -38.31 14.21
C MET E 107 -14.19 -38.96 13.44
N PRO E 108 -15.28 -39.38 14.12
CA PRO E 108 -15.57 -39.08 15.53
C PRO E 108 -14.96 -40.06 16.52
N GLU E 109 -14.41 -41.17 16.02
CA GLU E 109 -13.89 -42.24 16.88
C GLU E 109 -12.69 -41.77 17.67
N GLY E 110 -11.82 -40.97 17.04
CA GLY E 110 -10.78 -40.30 17.82
C GLY E 110 -9.39 -40.89 17.72
N TYR E 111 -8.49 -40.41 18.60
CA TYR E 111 -7.11 -40.84 18.71
C TYR E 111 -6.65 -40.85 20.16
N VAL E 112 -5.59 -41.60 20.37
CA VAL E 112 -4.88 -41.64 21.61
C VAL E 112 -3.74 -40.66 21.42
N GLN E 113 -3.61 -39.72 22.36
CA GLN E 113 -2.45 -38.81 22.30
C GLN E 113 -1.56 -39.17 23.46
N GLU E 114 -0.32 -39.52 23.18
CA GLU E 114 0.62 -39.86 24.23
C GLU E 114 1.87 -39.03 24.19
N ARG E 115 2.33 -38.58 25.37
CA ARG E 115 3.56 -37.83 25.45
C ARG E 115 4.44 -38.25 26.60
N THR E 116 5.73 -37.99 26.40
CA THR E 116 6.63 -37.75 27.49
C THR E 116 7.17 -36.31 27.41
N ILE E 117 7.14 -35.62 28.53
CA ILE E 117 7.55 -34.25 28.56
C ILE E 117 8.72 -34.21 29.54
N PHE E 118 9.90 -33.87 29.03
CA PHE E 118 11.11 -33.83 29.86
C PHE E 118 11.35 -32.41 30.29
N PHE E 119 11.25 -32.13 31.59
CA PHE E 119 11.61 -30.80 32.10
C PHE E 119 13.14 -30.71 32.34
N LYS E 120 13.82 -29.83 31.59
CA LYS E 120 15.27 -29.76 31.62
C LYS E 120 15.71 -29.61 33.08
N ASP E 121 16.57 -30.53 33.53
CA ASP E 121 17.19 -30.47 34.87
C ASP E 121 16.19 -30.74 35.98
N ASP E 122 15.17 -31.51 35.67
CA ASP E 122 14.09 -31.78 36.61
C ASP E 122 13.36 -33.02 36.12
N GLY E 123 12.13 -33.20 36.60
CA GLY E 123 11.32 -34.40 36.33
C GLY E 123 10.68 -34.46 34.94
N ASN E 124 9.87 -35.49 34.72
CA ASN E 124 9.13 -35.68 33.47
C ASN E 124 7.67 -36.04 33.74
N TYR E 125 6.81 -35.71 32.78
CA TYR E 125 5.41 -36.10 32.75
C TYR E 125 5.26 -37.17 31.67
N LYS E 126 4.49 -38.20 31.95
CA LYS E 126 4.06 -39.14 30.91
C LYS E 126 2.56 -39.09 30.93
N THR E 127 1.94 -39.06 29.75
CA THR E 127 0.49 -38.72 29.64
C THR E 127 -0.10 -39.58 28.58
N ARG E 128 -1.33 -40.02 28.81
CA ARG E 128 -2.08 -40.76 27.84
C ARG E 128 -3.48 -40.16 27.83
N ALA E 129 -3.90 -39.69 26.66
CA ALA E 129 -5.24 -39.09 26.55
C ALA E 129 -5.98 -39.74 25.40
N GLU E 130 -7.31 -39.71 25.49
CA GLU E 130 -8.15 -40.08 24.38
C GLU E 130 -8.93 -38.86 24.05
N VAL E 131 -8.85 -38.48 22.79
CA VAL E 131 -9.67 -37.39 22.32
C VAL E 131 -10.55 -37.91 21.23
N LYS E 132 -11.85 -37.78 21.46
CA LYS E 132 -12.86 -38.36 20.59
C LYS E 132 -14.16 -37.61 20.87
N PHE E 133 -15.13 -37.77 19.99
CA PHE E 133 -16.51 -37.28 20.23
C PHE E 133 -17.35 -38.19 21.12
N GLU E 134 -18.11 -37.58 22.03
CA GLU E 134 -19.15 -38.24 22.79
C GLU E 134 -20.41 -37.42 22.52
N GLY E 135 -21.24 -37.95 21.62
CA GLY E 135 -22.34 -37.18 21.05
C GLY E 135 -21.77 -35.94 20.36
N ASP E 136 -22.36 -34.78 20.68
CA ASP E 136 -21.90 -33.55 20.02
CA ASP E 136 -22.03 -33.43 20.22
C ASP E 136 -20.63 -32.93 20.65
N THR E 137 -20.17 -33.45 21.77
CA THR E 137 -19.03 -32.89 22.49
C THR E 137 -17.69 -33.60 22.21
N LEU E 138 -16.65 -32.81 21.94
CA LEU E 138 -15.27 -33.33 21.78
C LEU E 138 -14.69 -33.45 23.20
N VAL E 139 -14.22 -34.64 23.58
CA VAL E 139 -13.75 -34.90 24.95
C VAL E 139 -12.25 -35.24 24.98
N ASN E 140 -11.52 -34.65 25.94
CA ASN E 140 -10.11 -34.97 26.12
C ASN E 140 -9.98 -35.55 27.51
N ARG E 141 -9.84 -36.87 27.57
CA ARG E 141 -9.66 -37.59 28.87
C ARG E 141 -8.26 -38.03 29.05
N ILE E 142 -7.65 -37.60 30.15
CA ILE E 142 -6.23 -37.74 30.29
C ILE E 142 -5.86 -38.33 31.64
N GLU E 143 -4.87 -39.22 31.59
CA GLU E 143 -4.13 -39.57 32.80
C GLU E 143 -2.72 -39.05 32.68
N LEU E 144 -2.19 -38.52 33.78
CA LEU E 144 -0.84 -37.94 33.80
C LEU E 144 -0.08 -38.49 35.00
N LYS E 145 1.18 -38.88 34.78
CA LYS E 145 2.06 -39.29 35.88
C LYS E 145 3.36 -38.54 35.80
N GLY E 146 3.74 -37.89 36.90
CA GLY E 146 4.98 -37.12 36.99
C GLY E 146 5.90 -37.73 38.05
N ILE E 147 7.18 -37.89 37.73
CA ILE E 147 8.13 -38.48 38.66
C ILE E 147 9.44 -37.68 38.62
N ASP E 148 10.23 -37.82 39.69
CA ASP E 148 11.62 -37.33 39.75
C ASP E 148 11.75 -35.81 39.79
N PHE E 149 10.71 -35.11 40.23
CA PHE E 149 10.77 -33.66 40.32
C PHE E 149 11.52 -33.22 41.56
N LYS E 150 12.37 -32.20 41.43
CA LYS E 150 13.10 -31.65 42.60
C LYS E 150 12.17 -30.76 43.44
N GLU E 151 12.19 -30.94 44.76
CA GLU E 151 11.26 -30.20 45.65
C GLU E 151 11.56 -28.70 45.60
N ASP E 152 12.78 -28.39 45.15
CA ASP E 152 13.33 -27.04 45.10
C ASP E 152 13.27 -26.48 43.66
N GLY E 153 12.72 -27.26 42.73
CA GLY E 153 12.79 -26.96 41.31
C GLY E 153 11.71 -25.98 40.90
N ASN E 154 11.71 -25.64 39.60
CA ASN E 154 10.77 -24.66 39.07
C ASN E 154 9.33 -25.15 39.10
N ILE E 155 9.17 -26.47 39.12
CA ILE E 155 7.87 -27.09 39.06
C ILE E 155 7.29 -27.21 40.45
N LEU E 156 7.88 -28.05 41.29
CA LEU E 156 7.38 -28.15 42.69
C LEU E 156 7.64 -26.90 43.53
N GLY E 157 8.66 -26.11 43.16
CA GLY E 157 8.84 -24.79 43.80
C GLY E 157 7.88 -23.71 43.31
N HIS E 158 7.01 -24.01 42.34
CA HIS E 158 6.13 -22.99 41.72
C HIS E 158 6.86 -21.69 41.36
N LYS E 159 7.90 -21.82 40.55
CA LYS E 159 8.71 -20.66 40.24
C LYS E 159 8.47 -20.13 38.83
N LEU E 160 7.36 -20.56 38.19
CA LEU E 160 7.08 -20.24 36.78
C LEU E 160 6.08 -19.11 36.65
N GLU E 161 6.34 -18.15 35.78
CA GLU E 161 5.35 -17.07 35.56
C GLU E 161 4.05 -17.66 35.06
N TYR E 162 2.95 -17.01 35.39
CA TYR E 162 1.64 -17.41 34.90
C TYR E 162 1.41 -16.85 33.48
N ASN E 163 2.09 -17.45 32.51
CA ASN E 163 1.96 -17.02 31.12
C ASN E 163 2.44 -18.09 30.15
N TYR E 164 2.39 -17.79 28.86
CA TYR E 164 2.76 -18.73 27.83
C TYR E 164 3.32 -18.00 26.61
N ASN E 165 4.21 -18.65 25.88
CA ASN E 165 4.84 -18.10 24.68
C ASN E 165 4.35 -18.85 23.43
N SER E 166 4.87 -18.54 22.25
CA SER E 166 4.43 -19.27 21.08
C SER E 166 5.45 -20.33 20.69
N HIS E 167 4.98 -21.42 20.06
CA HIS E 167 5.84 -22.57 19.74
C HIS E 167 5.31 -23.20 18.49
N ASN E 168 6.21 -23.88 17.79
CA ASN E 168 5.84 -24.72 16.67
C ASN E 168 5.88 -26.20 17.00
N VAL E 169 4.81 -26.89 16.60
CA VAL E 169 4.67 -28.31 16.84
C VAL E 169 5.00 -29.02 15.54
N TYR E 170 6.14 -29.69 15.51
CA TYR E 170 6.62 -30.30 14.28
C TYR E 170 6.10 -31.73 14.20
N ILE E 171 5.24 -31.94 13.21
CA ILE E 171 4.52 -33.19 13.02
C ILE E 171 5.18 -33.98 11.90
N THR E 172 5.28 -35.28 12.15
CA THR E 172 5.94 -36.24 11.28
C THR E 172 5.06 -37.50 11.28
N ALA E 173 5.06 -38.27 10.20
CA ALA E 173 4.39 -39.60 10.20
C ALA E 173 5.17 -40.60 11.05
N ASN F 6 0.01 -46.66 11.97
CA ASN F 6 -0.53 -45.56 11.11
C ASN F 6 -0.96 -44.26 11.88
N GLY F 7 -0.14 -43.89 12.86
CA GLY F 7 -0.36 -42.66 13.61
C GLY F 7 0.57 -41.56 13.18
N ILE F 8 0.72 -40.54 14.02
CA ILE F 8 1.72 -39.50 13.81
C ILE F 8 2.57 -39.29 15.06
N LYS F 9 3.67 -38.57 14.87
CA LYS F 9 4.55 -38.18 15.94
C LYS F 9 4.69 -36.67 15.85
N ALA F 10 5.02 -36.06 16.97
CA ALA F 10 5.42 -34.66 16.95
C ALA F 10 6.50 -34.40 18.01
N ASN F 11 7.24 -33.31 17.85
CA ASN F 11 8.25 -32.88 18.81
C ASN F 11 8.20 -31.40 18.83
N PHE F 12 8.38 -30.87 20.03
CA PHE F 12 8.47 -29.45 20.24
C PHE F 12 9.11 -29.16 21.58
N LYS F 13 9.55 -27.93 21.76
CA LYS F 13 10.25 -27.58 22.95
C LYS F 13 9.60 -26.32 23.52
N ILE F 14 9.00 -26.48 24.70
CA ILE F 14 8.23 -25.38 25.35
C ILE F 14 9.18 -24.55 26.21
N ARG F 15 9.04 -23.22 26.11
CA ARG F 15 9.77 -22.24 26.94
CA ARG F 15 9.77 -22.27 26.95
C ARG F 15 8.84 -21.68 28.03
N HIS F 16 9.03 -22.11 29.28
CA HIS F 16 8.26 -21.57 30.40
C HIS F 16 9.09 -20.45 31.05
N ASN F 17 8.62 -19.22 31.05
CA ASN F 17 9.31 -18.15 31.76
C ASN F 17 9.33 -18.43 33.25
N ILE F 18 10.52 -18.27 33.81
CA ILE F 18 10.76 -18.39 35.23
C ILE F 18 10.63 -17.02 35.87
N GLU F 19 9.93 -16.95 37.00
CA GLU F 19 9.76 -15.67 37.71
C GLU F 19 11.15 -15.09 37.97
N ASP F 20 11.28 -13.78 37.76
CA ASP F 20 12.59 -13.11 37.86
C ASP F 20 13.66 -13.57 36.86
N GLY F 21 13.25 -14.16 35.74
CA GLY F 21 14.18 -14.36 34.62
C GLY F 21 14.74 -15.76 34.48
N GLY F 22 15.06 -16.12 33.25
CA GLY F 22 15.34 -17.48 32.92
C GLY F 22 14.14 -18.15 32.26
N VAL F 23 14.40 -19.34 31.74
CA VAL F 23 13.39 -20.13 31.09
C VAL F 23 13.53 -21.58 31.55
N GLN F 24 12.39 -22.22 31.83
CA GLN F 24 12.40 -23.66 32.07
C GLN F 24 11.96 -24.29 30.80
N LEU F 25 12.81 -25.14 30.25
CA LEU F 25 12.54 -25.82 29.01
C LEU F 25 11.76 -27.11 29.26
N ALA F 26 10.85 -27.45 28.34
CA ALA F 26 10.13 -28.70 28.46
C ALA F 26 10.08 -29.38 27.10
N ASP F 27 10.91 -30.40 26.89
CA ASP F 27 10.97 -31.07 25.60
C ASP F 27 9.89 -32.11 25.46
N HIS F 28 9.05 -31.97 24.42
CA HIS F 28 7.86 -32.81 24.29
C HIS F 28 8.07 -33.85 23.24
N TYR F 29 7.66 -35.07 23.55
CA TYR F 29 7.68 -36.17 22.61
C TYR F 29 6.26 -36.74 22.58
N GLN F 30 5.73 -36.83 21.36
CA GLN F 30 4.32 -37.03 21.17
C GLN F 30 4.06 -38.09 20.13
N GLN F 31 3.07 -38.92 20.38
CA GLN F 31 2.48 -39.75 19.32
C GLN F 31 0.99 -39.90 19.49
N ASN F 32 0.32 -39.95 18.34
CA ASN F 32 -1.13 -40.07 18.23
C ASN F 32 -1.48 -41.34 17.45
N THR F 33 -2.49 -42.06 17.90
CA THR F 33 -2.89 -43.28 17.25
C THR F 33 -4.39 -43.29 17.05
N PRO F 34 -4.86 -43.47 15.79
CA PRO F 34 -6.30 -43.57 15.65
C PRO F 34 -6.91 -44.64 16.57
N ILE F 35 -8.08 -44.34 17.12
CA ILE F 35 -8.86 -45.28 17.91
C ILE F 35 -9.67 -46.19 16.97
N GLY F 36 -10.20 -45.64 15.89
CA GLY F 36 -11.03 -46.41 14.96
C GLY F 36 -10.21 -47.18 13.96
N ASP F 37 -10.87 -48.01 13.18
CA ASP F 37 -10.25 -48.79 12.11
C ASP F 37 -10.36 -48.07 10.78
N GLY F 38 -11.25 -47.08 10.70
CA GLY F 38 -11.47 -46.34 9.47
C GLY F 38 -10.14 -45.79 8.94
N PRO F 39 -10.05 -45.55 7.62
CA PRO F 39 -8.84 -44.96 7.07
C PRO F 39 -8.62 -43.54 7.63
N VAL F 40 -7.36 -43.18 7.83
CA VAL F 40 -7.03 -41.82 8.24
C VAL F 40 -6.08 -41.19 7.25
N LEU F 41 -5.90 -39.88 7.37
CA LEU F 41 -4.93 -39.16 6.59
C LEU F 41 -3.53 -39.36 7.14
N LEU F 42 -2.57 -39.60 6.27
CA LEU F 42 -1.17 -39.72 6.67
C LEU F 42 -0.38 -38.59 6.08
N PRO F 43 0.00 -37.61 6.92
CA PRO F 43 0.53 -36.34 6.47
C PRO F 43 2.02 -36.32 6.06
N ASP F 44 2.39 -35.35 5.23
CA ASP F 44 3.78 -34.98 5.09
C ASP F 44 4.20 -34.17 6.32
N ASN F 45 5.50 -34.04 6.53
CA ASN F 45 6.06 -33.17 7.54
C ASN F 45 5.53 -31.74 7.39
N HIS F 46 5.04 -31.21 8.50
CA HIS F 46 4.56 -29.83 8.60
C HIS F 46 4.52 -29.49 10.09
N TYR F 47 4.04 -28.31 10.43
CA TYR F 47 3.94 -27.94 11.81
C TYR F 47 2.67 -27.17 12.14
N LEU F 48 2.42 -27.08 13.44
CA LEU F 48 1.33 -26.29 13.90
C LEU F 48 1.91 -25.11 14.64
N SER F 49 1.48 -23.92 14.26
CA SER F 49 1.89 -22.72 14.96
C SER F 49 0.91 -22.45 16.09
N TYR F 50 1.43 -22.53 17.31
CA TYR F 50 0.60 -22.29 18.50
C TYR F 50 0.89 -20.94 19.10
N GLN F 51 -0.16 -20.29 19.56
CA GLN F 51 -0.02 -19.23 20.50
C GLN F 51 -1.05 -19.45 21.60
N SER F 52 -0.67 -19.15 22.84
CA SER F 52 -1.57 -19.36 23.95
C SER F 52 -1.54 -18.17 24.92
N ALA F 53 -2.67 -17.90 25.57
CA ALA F 53 -2.70 -16.90 26.65
C ALA F 53 -3.50 -17.45 27.84
N LEU F 54 -2.97 -17.24 29.04
CA LEU F 54 -3.58 -17.77 30.26
C LEU F 54 -4.20 -16.65 31.05
N SER F 55 -5.40 -16.86 31.58
CA SER F 55 -6.06 -15.80 32.32
C SER F 55 -6.78 -16.37 33.54
N LYS F 56 -7.51 -15.51 34.25
CA LYS F 56 -8.24 -15.93 35.43
C LYS F 56 -9.61 -15.30 35.37
N ASP F 57 -10.56 -16.06 35.90
CA ASP F 57 -11.90 -15.58 36.09
C ASP F 57 -11.88 -15.04 37.53
N PRO F 58 -11.95 -13.71 37.67
CA PRO F 58 -11.85 -12.99 38.92
C PRO F 58 -12.90 -13.41 39.93
N ASN F 59 -14.02 -13.94 39.44
CA ASN F 59 -15.08 -14.41 40.34
C ASN F 59 -15.04 -15.90 40.67
N GLU F 60 -13.97 -16.59 40.26
CA GLU F 60 -13.85 -18.03 40.53
C GLU F 60 -12.94 -18.24 41.76
N LYS F 61 -13.49 -18.82 42.82
CA LYS F 61 -12.70 -19.07 44.00
C LYS F 61 -11.75 -20.24 43.87
N ARG F 62 -12.11 -21.25 43.07
CA ARG F 62 -11.29 -22.47 42.94
CA ARG F 62 -11.26 -22.44 43.01
C ARG F 62 -10.00 -22.19 42.15
N ASP F 63 -8.97 -22.99 42.37
CA ASP F 63 -7.73 -22.87 41.61
C ASP F 63 -8.02 -23.27 40.14
N HIS F 64 -7.73 -22.40 39.20
CA HIS F 64 -8.25 -22.65 37.85
C HIS F 64 -7.39 -21.91 36.84
N MET F 65 -7.66 -22.18 35.56
CA MET F 65 -6.96 -21.54 34.49
C MET F 65 -7.91 -21.33 33.35
N VAL F 66 -7.93 -20.12 32.81
CA VAL F 66 -8.60 -19.85 31.58
C VAL F 66 -7.55 -19.90 30.49
N LEU F 67 -7.82 -20.71 29.46
CA LEU F 67 -6.86 -21.00 28.43
C LEU F 67 -7.42 -20.68 27.04
N LEU F 68 -6.79 -19.74 26.33
CA LEU F 68 -7.06 -19.49 24.91
C LEU F 68 -5.87 -19.94 24.12
N GLU F 69 -6.12 -20.69 23.05
CA GLU F 69 -5.06 -21.11 22.14
C GLU F 69 -5.48 -20.75 20.73
N PHE F 70 -4.49 -20.38 19.91
CA PHE F 70 -4.73 -20.06 18.54
C PHE F 70 -3.77 -20.92 17.76
N VAL F 71 -4.31 -21.76 16.87
CA VAL F 71 -3.53 -22.75 16.18
C VAL F 71 -3.74 -22.77 14.67
N THR F 72 -2.64 -22.59 13.92
CA THR F 72 -2.68 -22.66 12.46
C THR F 72 -1.59 -23.60 11.94
N ALA F 73 -1.98 -24.49 11.03
CA ALA F 73 -1.03 -25.35 10.32
C ALA F 73 -0.18 -24.61 9.27
N ALA F 74 1.06 -25.02 9.07
CA ALA F 74 1.95 -24.38 8.11
C ALA F 74 3.14 -25.30 7.77
N GLY F 75 4.05 -24.78 6.95
CA GLY F 75 5.28 -25.49 6.60
C GLY F 75 5.18 -26.35 5.35
N ILE F 76 4.08 -26.20 4.60
CA ILE F 76 3.98 -26.79 3.24
C ILE F 76 3.67 -25.67 2.22
N THR F 77 4.62 -25.46 1.32
CA THR F 77 4.71 -24.25 0.47
C THR F 77 3.42 -23.88 -0.27
N LYS G 24 25.04 -5.69 -31.92
CA LYS G 24 23.83 -5.32 -32.71
CA LYS G 24 24.24 -5.05 -33.01
C LYS G 24 23.32 -3.87 -32.54
N GLY G 25 22.32 -3.52 -33.36
CA GLY G 25 21.60 -2.25 -33.31
C GLY G 25 21.18 -1.66 -31.97
N GLU G 26 20.66 -2.50 -31.08
CA GLU G 26 20.19 -2.05 -29.76
C GLU G 26 21.25 -1.21 -29.04
N GLU G 27 22.50 -1.63 -29.14
CA GLU G 27 23.64 -1.00 -28.44
C GLU G 27 23.80 0.50 -28.80
N LEU G 28 23.30 0.89 -29.96
CA LEU G 28 23.44 2.27 -30.41
C LEU G 28 22.54 3.25 -29.66
N PHE G 29 21.60 2.73 -28.88
CA PHE G 29 20.55 3.54 -28.28
C PHE G 29 20.60 3.56 -26.75
N THR G 30 21.70 3.10 -26.19
CA THR G 30 21.78 2.96 -24.73
C THR G 30 21.90 4.31 -24.07
N GLY G 31 22.31 5.34 -24.82
CA GLY G 31 22.35 6.71 -24.30
C GLY G 31 21.50 7.70 -25.05
N VAL G 32 21.79 8.98 -24.88
CA VAL G 32 21.10 10.05 -25.61
C VAL G 32 21.69 10.21 -27.01
N VAL G 33 20.82 10.06 -28.01
CA VAL G 33 21.23 10.07 -29.40
C VAL G 33 20.74 11.37 -30.02
N PRO G 34 21.66 12.15 -30.60
CA PRO G 34 21.19 13.35 -31.28
C PRO G 34 20.42 12.98 -32.55
N ILE G 35 19.49 13.83 -32.94
CA ILE G 35 18.58 13.58 -34.06
C ILE G 35 18.55 14.78 -35.01
N LEU G 36 18.43 14.50 -36.31
CA LEU G 36 18.15 15.52 -37.33
CA LEU G 36 18.16 15.52 -37.33
C LEU G 36 16.98 15.04 -38.19
N VAL G 37 16.09 15.96 -38.54
CA VAL G 37 14.90 15.65 -39.35
C VAL G 37 14.89 16.63 -40.50
N GLU G 38 14.54 16.13 -41.67
CA GLU G 38 14.55 16.95 -42.86
C GLU G 38 13.36 16.45 -43.62
N LEU G 39 12.42 17.33 -43.93
CA LEU G 39 11.23 16.96 -44.68
C LEU G 39 11.06 17.94 -45.85
N ASP G 40 10.76 17.40 -47.03
CA ASP G 40 10.36 18.21 -48.20
C ASP G 40 8.94 17.82 -48.58
N GLY G 41 8.07 18.81 -48.75
CA GLY G 41 6.65 18.56 -48.82
C GLY G 41 5.99 19.26 -49.98
N ASP G 42 5.00 18.60 -50.54
CA ASP G 42 4.16 19.21 -51.55
C ASP G 42 2.72 18.79 -51.26
N VAL G 43 1.87 19.76 -50.91
CA VAL G 43 0.46 19.43 -50.57
C VAL G 43 -0.48 20.30 -51.44
N ASN G 44 -1.32 19.65 -52.27
CA ASN G 44 -2.04 20.32 -53.36
C ASN G 44 -1.17 21.35 -54.05
N GLY G 45 0.12 21.05 -54.26
CA GLY G 45 0.98 22.01 -54.96
C GLY G 45 1.63 23.10 -54.11
N HIS G 46 1.28 23.18 -52.83
CA HIS G 46 2.02 24.09 -51.93
C HIS G 46 3.30 23.35 -51.50
N LYS G 47 4.46 23.93 -51.83
CA LYS G 47 5.76 23.32 -51.50
C LYS G 47 6.37 23.95 -50.26
N PHE G 48 6.93 23.11 -49.40
CA PHE G 48 7.51 23.59 -48.14
C PHE G 48 8.60 22.65 -47.67
N SER G 49 9.46 23.14 -46.82
CA SER G 49 10.47 22.32 -46.20
C SER G 49 10.40 22.55 -44.71
N VAL G 50 10.65 21.49 -43.94
CA VAL G 50 10.84 21.51 -42.47
C VAL G 50 12.18 20.88 -42.11
N SER G 51 12.91 21.53 -41.23
CA SER G 51 14.17 21.01 -40.68
C SER G 51 14.02 21.00 -39.21
N GLY G 52 14.50 19.94 -38.55
CA GLY G 52 14.53 19.91 -37.10
C GLY G 52 15.75 19.24 -36.51
N GLU G 53 16.01 19.52 -35.23
CA GLU G 53 16.98 18.77 -34.47
C GLU G 53 16.49 18.51 -33.07
N GLY G 54 17.11 17.53 -32.43
CA GLY G 54 16.85 17.27 -31.06
C GLY G 54 17.51 16.00 -30.63
N GLU G 55 16.80 15.24 -29.80
CA GLU G 55 17.45 14.08 -29.29
C GLU G 55 16.48 13.05 -28.79
N GLY G 56 16.96 11.82 -28.82
CA GLY G 56 16.15 10.66 -28.52
C GLY G 56 16.81 9.84 -27.43
N ASP G 57 15.96 9.27 -26.58
CA ASP G 57 16.43 8.49 -25.44
C ASP G 57 15.55 7.27 -25.25
N ALA G 58 15.92 6.16 -25.89
CA ALA G 58 15.14 4.93 -25.89
C ALA G 58 15.10 4.22 -24.54
N THR G 59 16.05 4.53 -23.66
CA THR G 59 16.08 3.87 -22.34
C THR G 59 14.86 4.36 -21.56
N TYR G 60 14.58 5.63 -21.75
CA TYR G 60 13.44 6.26 -21.17
C TYR G 60 12.20 6.08 -22.08
N GLY G 61 12.39 6.05 -23.40
CA GLY G 61 11.28 6.02 -24.36
C GLY G 61 10.77 7.42 -24.63
N LYS G 62 11.64 8.33 -25.03
CA LYS G 62 11.34 9.75 -25.11
CA LYS G 62 11.28 9.72 -25.19
C LYS G 62 12.13 10.36 -26.28
N LEU G 63 11.53 11.31 -26.98
CA LEU G 63 12.27 12.10 -27.94
C LEU G 63 11.70 13.51 -27.88
N THR G 64 12.59 14.47 -28.07
CA THR G 64 12.28 15.89 -28.10
C THR G 64 12.79 16.44 -29.42
N LEU G 65 11.94 17.21 -30.13
CA LEU G 65 12.36 17.85 -31.39
C LEU G 65 11.91 19.31 -31.53
N LYS G 66 12.76 20.12 -32.13
CA LYS G 66 12.26 21.43 -32.58
C LYS G 66 12.33 21.47 -34.09
N LEU G 67 11.17 21.68 -34.71
CA LEU G 67 11.02 21.57 -36.16
C LEU G 67 10.61 22.93 -36.70
N ILE G 68 11.34 23.39 -37.70
CA ILE G 68 11.13 24.73 -38.26
C ILE G 68 10.65 24.62 -39.73
N CYS G 69 9.68 25.43 -40.09
CA CYS G 69 9.35 25.58 -41.48
C CYS G 69 10.35 26.58 -42.03
N THR G 70 11.19 26.12 -42.97
CA THR G 70 12.29 26.95 -43.42
C THR G 70 11.92 27.74 -44.65
N THR G 71 10.70 27.53 -45.15
CA THR G 71 10.29 28.18 -46.41
C THR G 71 9.26 29.26 -46.14
N GLY G 72 9.00 29.55 -44.85
CA GLY G 72 8.06 30.57 -44.44
C GLY G 72 7.00 30.01 -43.51
N LYS G 73 5.82 29.87 -44.05
CA LYS G 73 4.68 29.54 -43.23
C LYS G 73 4.27 28.15 -43.74
N LEU G 74 4.01 27.21 -42.84
CA LEU G 74 3.55 25.88 -43.17
C LEU G 74 2.13 25.92 -43.75
N PRO G 75 1.90 25.30 -44.92
CA PRO G 75 0.58 25.40 -45.54
C PRO G 75 -0.37 24.30 -45.04
N VAL G 76 0.04 23.54 -44.03
CA VAL G 76 -0.85 22.58 -43.35
C VAL G 76 -0.67 22.74 -41.85
N PRO G 77 -1.64 22.28 -41.02
CA PRO G 77 -1.39 22.43 -39.59
C PRO G 77 -0.21 21.57 -39.12
N TRP G 78 0.60 22.10 -38.21
CA TRP G 78 1.70 21.32 -37.58
C TRP G 78 1.27 19.96 -37.09
N PRO G 79 0.08 19.86 -36.44
CA PRO G 79 -0.27 18.51 -35.96
C PRO G 79 -0.34 17.42 -37.01
N THR G 80 -0.74 17.73 -38.25
CA THR G 80 -0.84 16.73 -39.32
C THR G 80 0.51 16.13 -39.74
N LEU G 81 1.62 16.77 -39.34
CA LEU G 81 2.93 16.31 -39.71
C LEU G 81 3.60 15.57 -38.53
N VAL G 82 2.98 15.58 -37.37
CA VAL G 82 3.56 14.94 -36.19
C VAL G 82 4.01 13.47 -36.48
N THR G 83 3.13 12.63 -37.03
CA THR G 83 3.47 11.19 -37.22
C THR G 83 4.61 11.03 -38.25
N THR G 84 4.68 11.96 -39.17
CA THR G 84 5.69 11.88 -40.23
C THR G 84 7.07 12.33 -39.73
N LEU G 85 7.11 13.45 -39.00
CA LEU G 85 8.38 13.94 -38.50
C LEU G 85 8.85 13.03 -37.37
N LEU G 87 10.19 8.44 -35.52
CA LEU G 87 11.43 7.79 -35.02
C LEU G 87 11.09 6.70 -34.05
N GLN G 88 10.52 5.62 -34.56
CA GLN G 88 10.00 4.57 -33.70
C GLN G 88 11.11 3.75 -33.05
N CYS G 89 12.36 3.99 -33.46
CA CYS G 89 13.54 3.41 -32.83
C CYS G 89 13.80 4.01 -31.45
N PHE G 90 13.14 5.13 -31.11
CA PHE G 90 13.24 5.62 -29.72
C PHE G 90 12.19 5.03 -28.76
N ALA G 91 11.41 4.06 -29.20
CA ALA G 91 10.53 3.33 -28.30
C ALA G 91 11.31 2.65 -27.21
N ARG G 92 10.76 2.72 -26.02
CA ARG G 92 11.32 1.89 -24.98
C ARG G 92 10.65 0.50 -25.04
N TYR G 93 11.44 -0.53 -25.34
CA TYR G 93 10.95 -1.91 -25.30
C TYR G 93 11.30 -2.50 -23.95
N PRO G 94 10.31 -2.96 -23.17
CA PRO G 94 10.61 -3.68 -21.92
C PRO G 94 11.49 -4.91 -22.18
N ASP G 95 12.22 -5.36 -21.15
CA ASP G 95 13.16 -6.47 -21.30
C ASP G 95 12.56 -7.68 -21.97
N HIS G 96 11.34 -8.04 -21.56
CA HIS G 96 10.69 -9.25 -22.09
C HIS G 96 10.32 -9.11 -23.54
N MET G 97 10.49 -7.91 -24.11
CA MET G 97 10.05 -7.63 -25.46
C MET G 97 11.19 -7.29 -26.40
N LYS G 98 12.42 -7.26 -25.88
CA LYS G 98 13.60 -6.88 -26.67
C LYS G 98 13.72 -7.55 -28.03
N GLN G 99 13.27 -8.79 -28.14
CA GLN G 99 13.39 -9.55 -29.39
C GLN G 99 12.33 -9.13 -30.43
N HIS G 100 11.44 -8.22 -30.05
CA HIS G 100 10.45 -7.75 -31.00
C HIS G 100 10.75 -6.36 -31.53
N ASP G 101 11.93 -5.84 -31.22
CA ASP G 101 12.32 -4.49 -31.62
C ASP G 101 12.97 -4.44 -33.03
N PHE G 102 12.17 -4.53 -34.08
CA PHE G 102 12.67 -4.35 -35.46
C PHE G 102 13.52 -3.07 -35.59
N PHE G 103 12.96 -1.94 -35.17
CA PHE G 103 13.54 -0.63 -35.47
C PHE G 103 15.03 -0.53 -35.11
N LYS G 104 15.38 -0.83 -33.87
CA LYS G 104 16.78 -0.79 -33.48
C LYS G 104 17.64 -1.84 -34.18
N SER G 105 17.10 -3.06 -34.40
CA SER G 105 17.90 -4.14 -35.00
C SER G 105 18.37 -3.80 -36.44
N ALA G 106 17.61 -2.93 -37.10
CA ALA G 106 17.94 -2.49 -38.46
C ALA G 106 19.06 -1.43 -38.50
N MET G 107 19.42 -0.88 -37.34
CA MET G 107 20.45 0.18 -37.29
C MET G 107 21.84 -0.48 -37.26
N PRO G 108 22.92 0.25 -37.69
CA PRO G 108 22.92 1.65 -38.17
C PRO G 108 22.46 1.89 -39.59
N GLU G 109 22.39 0.86 -40.44
CA GLU G 109 21.99 1.08 -41.84
C GLU G 109 20.59 1.63 -41.98
N GLY G 110 19.72 1.23 -41.06
CA GLY G 110 18.40 1.86 -40.93
C GLY G 110 17.31 1.22 -41.74
N TYR G 111 16.20 1.93 -41.85
CA TYR G 111 15.05 1.43 -42.59
C TYR G 111 14.36 2.55 -43.35
N VAL G 112 13.59 2.13 -44.36
CA VAL G 112 12.71 3.01 -45.12
C VAL G 112 11.37 2.89 -44.40
N GLN G 113 10.74 4.04 -44.11
CA GLN G 113 9.41 4.07 -43.52
C GLN G 113 8.48 4.75 -44.49
N GLU G 114 7.44 4.04 -44.93
CA GLU G 114 6.47 4.56 -45.89
C GLU G 114 5.07 4.56 -45.29
N ARG G 115 4.34 5.63 -45.56
CA ARG G 115 2.99 5.70 -45.12
C ARG G 115 2.06 6.22 -46.22
N THR G 116 0.81 5.77 -46.16
CA THR G 116 -0.27 6.51 -46.74
C THR G 116 -1.12 6.95 -45.55
N ILE G 117 -1.45 8.24 -45.53
CA ILE G 117 -2.30 8.75 -44.49
C ILE G 117 -3.56 9.31 -45.09
N PHE G 118 -4.71 8.73 -44.73
CA PHE G 118 -5.99 9.18 -45.27
C PHE G 118 -6.71 10.05 -44.27
N PHE G 119 -6.92 11.32 -44.59
CA PHE G 119 -7.74 12.19 -43.72
C PHE G 119 -9.21 12.02 -44.06
N LYS G 120 -9.99 11.51 -43.10
CA LYS G 120 -11.42 11.31 -43.38
C LYS G 120 -12.11 12.52 -44.06
N ASP G 121 -12.74 12.25 -45.21
CA ASP G 121 -13.48 13.24 -46.02
C ASP G 121 -12.61 14.37 -46.52
N ASP G 122 -11.34 14.06 -46.78
CA ASP G 122 -10.40 15.03 -47.28
C ASP G 122 -9.27 14.27 -47.98
N GLY G 123 -8.20 14.98 -48.30
CA GLY G 123 -7.09 14.40 -49.05
C GLY G 123 -6.21 13.45 -48.25
N ASN G 124 -5.07 13.10 -48.84
CA ASN G 124 -4.20 12.14 -48.23
C ASN G 124 -2.74 12.57 -48.35
N TYR G 125 -1.91 12.04 -47.42
CA TYR G 125 -0.46 12.16 -47.52
C TYR G 125 0.12 10.82 -47.94
N LYS G 126 1.12 10.88 -48.80
CA LYS G 126 1.96 9.73 -49.03
C LYS G 126 3.35 10.18 -48.65
N THR G 127 4.04 9.38 -47.84
CA THR G 127 5.33 9.76 -47.33
C THR G 127 6.36 8.64 -47.49
N ARG G 128 7.61 9.00 -47.71
CA ARG G 128 8.66 8.00 -47.72
C ARG G 128 9.83 8.61 -47.02
N ALA G 129 10.39 7.89 -46.05
CA ALA G 129 11.50 8.39 -45.24
C ALA G 129 12.56 7.33 -45.04
N GLU G 130 13.81 7.77 -44.96
CA GLU G 130 14.88 6.92 -44.45
C GLU G 130 15.30 7.42 -43.11
N VAL G 131 15.37 6.47 -42.18
CA VAL G 131 15.83 6.73 -40.84
C VAL G 131 17.02 5.82 -40.61
N LYS G 132 18.18 6.47 -40.45
CA LYS G 132 19.49 5.79 -40.43
CA LYS G 132 19.47 5.79 -40.40
C LYS G 132 20.50 6.62 -39.63
N PHE G 133 21.57 5.99 -39.16
CA PHE G 133 22.63 6.78 -38.55
C PHE G 133 23.48 7.40 -39.67
N GLU G 134 23.82 8.68 -39.52
CA GLU G 134 24.88 9.33 -40.30
C GLU G 134 25.88 9.78 -39.25
N GLY G 135 26.98 9.03 -39.11
CA GLY G 135 27.90 9.25 -37.98
C GLY G 135 27.17 8.93 -36.69
N ASP G 136 27.26 9.84 -35.69
CA ASP G 136 26.64 9.60 -34.39
CA ASP G 136 26.65 9.68 -34.38
C ASP G 136 25.18 10.11 -34.35
N THR G 137 24.72 10.68 -35.45
CA THR G 137 23.41 11.30 -35.53
C THR G 137 22.36 10.41 -36.22
N LEU G 138 21.22 10.21 -35.57
CA LEU G 138 20.09 9.52 -36.21
C LEU G 138 19.35 10.56 -37.04
N VAL G 139 19.18 10.29 -38.32
CA VAL G 139 18.57 11.23 -39.27
C VAL G 139 17.30 10.63 -39.83
N ASN G 140 16.30 11.47 -40.04
CA ASN G 140 15.03 11.04 -40.57
C ASN G 140 14.80 12.02 -41.70
N ARG G 141 14.95 11.50 -42.92
CA ARG G 141 14.87 12.30 -44.15
C ARG G 141 13.64 11.86 -44.85
N ILE G 142 12.74 12.80 -45.10
CA ILE G 142 11.40 12.47 -45.55
C ILE G 142 11.02 13.20 -46.84
N GLU G 143 10.25 12.54 -47.69
CA GLU G 143 9.52 13.24 -48.73
C GLU G 143 8.03 13.05 -48.48
N LEU G 144 7.28 14.14 -48.62
CA LEU G 144 5.83 14.06 -48.48
C LEU G 144 5.08 14.66 -49.69
N LYS G 145 4.10 13.91 -50.15
CA LYS G 145 3.14 14.35 -51.16
C LYS G 145 1.74 14.26 -50.57
N GLY G 146 1.01 15.37 -50.61
CA GLY G 146 -0.42 15.32 -50.36
C GLY G 146 -1.25 15.82 -51.53
N ILE G 147 -2.39 15.19 -51.77
CA ILE G 147 -3.28 15.54 -52.88
C ILE G 147 -4.70 15.44 -52.41
N ASP G 148 -5.58 16.20 -53.07
CA ASP G 148 -7.03 16.02 -53.00
C ASP G 148 -7.58 16.70 -51.78
N PHE G 149 -6.88 17.68 -51.23
CA PHE G 149 -7.37 18.33 -50.01
C PHE G 149 -8.45 19.36 -50.35
N LYS G 150 -9.40 19.54 -49.44
CA LYS G 150 -10.46 20.55 -49.62
C LYS G 150 -9.94 21.92 -49.18
N GLU G 151 -10.23 22.93 -49.99
CA GLU G 151 -9.68 24.28 -49.78
C GLU G 151 -10.03 24.82 -48.43
N ASP G 152 -11.21 24.45 -47.96
CA ASP G 152 -11.75 24.95 -46.72
C ASP G 152 -12.06 23.79 -45.77
N GLY G 153 -11.41 22.66 -46.00
CA GLY G 153 -11.45 21.56 -45.04
C GLY G 153 -10.55 21.85 -43.85
N ASN G 154 -10.53 20.94 -42.88
CA ASN G 154 -9.82 21.12 -41.64
C ASN G 154 -8.32 21.25 -41.80
N ILE G 155 -7.79 20.75 -42.91
CA ILE G 155 -6.35 20.75 -43.16
C ILE G 155 -5.93 22.06 -43.80
N LEU G 156 -6.38 22.31 -45.04
CA LEU G 156 -6.05 23.56 -45.73
C LEU G 156 -6.71 24.81 -45.15
N GLY G 157 -7.81 24.64 -44.42
CA GLY G 157 -8.44 25.78 -43.74
C GLY G 157 -7.89 26.00 -42.34
N HIS G 158 -6.91 25.20 -41.93
CA HIS G 158 -6.24 25.35 -40.62
C HIS G 158 -7.23 25.39 -39.45
N LYS G 159 -8.03 24.35 -39.33
CA LYS G 159 -9.08 24.29 -38.34
C LYS G 159 -8.76 23.35 -37.19
N LEU G 160 -7.51 22.90 -37.13
CA LEU G 160 -7.08 21.90 -36.13
C LEU G 160 -6.41 22.53 -34.91
N GLU G 161 -6.81 22.11 -33.70
CA GLU G 161 -6.17 22.61 -32.46
C GLU G 161 -4.72 22.22 -32.46
N TYR G 162 -3.90 23.05 -31.83
CA TYR G 162 -2.49 22.81 -31.73
C TYR G 162 -2.30 21.93 -30.51
N ASN G 163 -2.65 20.66 -30.64
CA ASN G 163 -2.51 19.71 -29.57
C ASN G 163 -2.46 18.30 -30.16
N TYR G 164 -2.41 17.29 -29.30
CA TYR G 164 -2.27 15.90 -29.74
C TYR G 164 -2.77 14.92 -28.69
N ASN G 165 -3.30 13.78 -29.13
CA ASN G 165 -3.79 12.80 -28.19
C ASN G 165 -2.94 11.55 -28.22
N SER G 166 -3.21 10.60 -27.32
CA SER G 166 -2.38 9.40 -27.28
C SER G 166 -2.99 8.35 -28.21
N HIS G 167 -2.14 7.55 -28.84
CA HIS G 167 -2.58 6.48 -29.75
C HIS G 167 -1.69 5.26 -29.59
N ASN G 168 -2.23 4.11 -29.99
CA ASN G 168 -1.42 2.88 -30.04
C ASN G 168 -1.08 2.55 -31.48
N VAL G 169 0.22 2.40 -31.78
CA VAL G 169 0.67 1.97 -33.10
C VAL G 169 0.79 0.41 -33.16
N TYR G 170 -0.11 -0.23 -33.91
CA TYR G 170 -0.15 -1.69 -33.87
C TYR G 170 0.81 -2.27 -34.87
N ILE G 171 1.82 -2.97 -34.38
CA ILE G 171 2.84 -3.51 -35.26
C ILE G 171 2.57 -4.97 -35.62
N THR G 172 2.81 -5.32 -36.88
CA THR G 172 2.69 -6.68 -37.32
C THR G 172 3.75 -6.96 -38.36
N ALA G 173 4.24 -8.21 -38.45
CA ALA G 173 5.24 -8.59 -39.46
C ALA G 173 4.50 -8.95 -40.74
N ASN H 6 10.48 -9.17 -45.24
CA ASN H 6 11.32 -9.02 -44.00
CA ASN H 6 11.64 -8.75 -44.41
C ASN H 6 11.36 -7.57 -43.45
N GLY H 7 10.25 -6.86 -43.68
CA GLY H 7 9.95 -5.65 -42.94
C GLY H 7 8.74 -5.85 -42.04
N ILE H 8 8.14 -4.75 -41.61
CA ILE H 8 6.95 -4.81 -40.76
C ILE H 8 5.89 -3.86 -41.30
N LYS H 9 4.66 -4.02 -40.82
CA LYS H 9 3.63 -3.06 -41.13
C LYS H 9 3.10 -2.49 -39.84
N ALA H 10 2.44 -1.33 -39.92
CA ALA H 10 1.66 -0.81 -38.80
C ALA H 10 0.40 -0.13 -39.30
N ASN H 11 -0.60 -0.09 -38.43
CA ASN H 11 -1.87 0.49 -38.77
C ASN H 11 -2.32 1.29 -37.55
N PHE H 12 -2.81 2.50 -37.75
CA PHE H 12 -3.39 3.24 -36.61
C PHE H 12 -4.25 4.42 -37.04
N LYS H 13 -5.15 4.85 -36.15
CA LYS H 13 -6.01 6.00 -36.46
C LYS H 13 -5.62 7.12 -35.55
N ILE H 14 -5.27 8.28 -36.14
CA ILE H 14 -4.96 9.44 -35.32
C ILE H 14 -6.23 10.29 -35.23
N ARG H 15 -6.50 10.76 -34.02
CA ARG H 15 -7.60 11.67 -33.76
CA ARG H 15 -7.60 11.68 -33.77
C ARG H 15 -7.06 13.09 -33.62
N HIS H 16 -7.35 13.95 -34.59
CA HIS H 16 -6.92 15.36 -34.47
C HIS H 16 -8.13 16.20 -34.02
N ASN H 17 -8.02 16.86 -32.87
CA ASN H 17 -9.06 17.76 -32.36
C ASN H 17 -9.21 19.03 -33.20
N ILE H 18 -10.47 19.35 -33.48
CA ILE H 18 -10.85 20.42 -34.38
C ILE H 18 -11.30 21.62 -33.52
N GLU H 19 -10.86 22.83 -33.87
CA GLU H 19 -11.25 24.05 -33.11
C GLU H 19 -12.78 24.13 -32.99
N ASP H 20 -13.24 24.43 -31.78
CA ASP H 20 -14.67 24.52 -31.44
C ASP H 20 -15.35 23.17 -31.58
N GLY H 21 -14.58 22.08 -31.42
CA GLY H 21 -15.16 20.77 -31.17
C GLY H 21 -15.18 19.85 -32.37
N GLY H 22 -15.19 18.56 -32.10
CA GLY H 22 -15.18 17.55 -33.15
C GLY H 22 -13.79 16.96 -33.33
N VAL H 23 -13.71 15.93 -34.16
CA VAL H 23 -12.46 15.21 -34.42
C VAL H 23 -12.28 14.95 -35.93
N GLN H 24 -11.08 15.26 -36.42
CA GLN H 24 -10.66 14.90 -37.75
C GLN H 24 -9.84 13.62 -37.68
N LEU H 25 -10.33 12.55 -38.28
CA LEU H 25 -9.64 11.27 -38.22
C LEU H 25 -8.58 11.16 -39.31
N ALA H 26 -7.44 10.54 -38.97
CA ALA H 26 -6.38 10.39 -39.94
C ALA H 26 -5.87 8.98 -39.90
N ASP H 27 -6.14 8.26 -40.97
CA ASP H 27 -5.97 6.83 -40.93
C ASP H 27 -4.63 6.47 -41.50
N HIS H 28 -3.82 5.77 -40.72
CA HIS H 28 -2.44 5.56 -41.06
C HIS H 28 -2.14 4.13 -41.46
N TYR H 29 -1.50 3.96 -42.62
CA TYR H 29 -1.00 2.66 -43.11
C TYR H 29 0.48 2.80 -43.29
N GLN H 30 1.25 1.95 -42.60
CA GLN H 30 2.69 2.08 -42.54
C GLN H 30 3.42 0.80 -42.95
N GLN H 31 4.58 0.93 -43.60
CA GLN H 31 5.42 -0.22 -43.80
C GLN H 31 6.85 0.21 -43.65
N ASN H 32 7.64 -0.65 -42.99
CA ASN H 32 9.06 -0.42 -42.77
C ASN H 32 9.89 -1.58 -43.38
N THR H 33 10.93 -1.22 -44.14
CA THR H 33 11.82 -2.16 -44.82
C THR H 33 13.27 -1.85 -44.47
N PRO H 34 14.05 -2.85 -43.98
CA PRO H 34 15.49 -2.59 -43.67
C PRO H 34 16.26 -2.08 -44.90
N ILE H 35 17.17 -1.13 -44.72
CA ILE H 35 17.99 -0.64 -45.82
C ILE H 35 19.11 -1.64 -46.09
N GLY H 36 19.69 -2.21 -45.04
CA GLY H 36 20.78 -3.15 -45.18
C GLY H 36 20.34 -4.55 -45.52
N ASP H 37 21.32 -5.45 -45.62
CA ASP H 37 21.08 -6.87 -45.91
C ASP H 37 21.17 -7.76 -44.66
N GLY H 38 21.65 -7.20 -43.55
CA GLY H 38 21.90 -7.95 -42.31
C GLY H 38 20.64 -8.56 -41.70
N PRO H 39 20.80 -9.32 -40.60
CA PRO H 39 19.63 -9.93 -39.95
C PRO H 39 18.88 -8.91 -39.06
N VAL H 40 17.58 -8.81 -39.27
CA VAL H 40 16.75 -7.93 -38.48
C VAL H 40 15.80 -8.76 -37.66
N LEU H 41 15.37 -8.20 -36.53
CA LEU H 41 14.43 -8.88 -35.68
C LEU H 41 13.04 -8.90 -36.34
N LEU H 42 12.36 -10.04 -36.28
CA LEU H 42 11.01 -10.10 -36.83
C LEU H 42 10.00 -10.23 -35.71
N PRO H 43 9.17 -9.19 -35.51
CA PRO H 43 8.42 -9.17 -34.23
C PRO H 43 7.12 -9.95 -34.27
N ASP H 44 6.70 -10.43 -33.11
CA ASP H 44 5.31 -10.81 -32.92
C ASP H 44 4.48 -9.54 -32.85
N ASN H 45 3.17 -9.70 -33.02
CA ASN H 45 2.26 -8.59 -32.97
C ASN H 45 2.37 -7.90 -31.62
N HIS H 46 2.28 -6.57 -31.65
CA HIS H 46 2.44 -5.76 -30.44
C HIS H 46 2.16 -4.31 -30.80
N TYR H 47 2.21 -3.43 -29.79
CA TYR H 47 1.98 -2.04 -30.09
C TYR H 47 2.95 -1.14 -29.36
N LEU H 48 3.05 0.10 -29.87
CA LEU H 48 3.77 1.19 -29.25
C LEU H 48 2.75 2.19 -28.72
N SER H 49 2.85 2.50 -27.44
CA SER H 49 2.00 3.48 -26.81
C SER H 49 2.69 4.81 -27.07
N TYR H 50 1.99 5.69 -27.79
CA TYR H 50 2.46 7.05 -28.06
C TYR H 50 1.70 8.08 -27.27
N GLN H 51 2.41 9.11 -26.85
CA GLN H 51 1.82 10.25 -26.20
C GLN H 51 2.70 11.38 -26.71
N SER H 52 2.07 12.44 -27.21
CA SER H 52 2.85 13.53 -27.78
C SER H 52 2.34 14.84 -27.19
N ALA H 53 3.17 15.84 -27.07
CA ALA H 53 2.67 17.15 -26.64
C ALA H 53 3.38 18.22 -27.48
N LEU H 54 2.60 19.20 -27.92
CA LEU H 54 3.07 20.19 -28.87
C LEU H 54 3.25 21.52 -28.19
N SER H 55 4.37 22.14 -28.51
CA SER H 55 4.70 23.36 -27.84
C SER H 55 5.37 24.41 -28.75
N LYS H 56 5.70 25.57 -28.17
CA LYS H 56 6.44 26.58 -28.89
C LYS H 56 7.60 27.06 -28.07
N ASP H 57 8.68 27.39 -28.77
CA ASP H 57 9.90 27.97 -28.21
C ASP H 57 9.64 29.47 -28.20
N PRO H 58 9.52 30.09 -27.00
CA PRO H 58 9.13 31.49 -27.02
C PRO H 58 10.24 32.34 -27.61
N ASN H 59 11.43 31.78 -27.73
CA ASN H 59 12.45 32.55 -28.41
C ASN H 59 12.58 32.26 -29.90
N GLU H 60 11.65 31.53 -30.48
CA GLU H 60 11.79 31.22 -31.91
C GLU H 60 10.84 32.11 -32.70
N LYS H 61 11.37 32.86 -33.67
CA LYS H 61 10.53 33.75 -34.50
C LYS H 61 9.84 33.03 -35.63
N ARG H 62 10.48 31.98 -36.17
CA ARG H 62 9.96 31.28 -37.35
CA ARG H 62 9.97 31.27 -37.34
C ARG H 62 8.80 30.35 -36.96
N ASP H 63 7.99 30.00 -37.95
CA ASP H 63 6.89 29.07 -37.81
C ASP H 63 7.49 27.70 -37.50
N HIS H 64 7.13 27.13 -36.35
CA HIS H 64 7.87 25.99 -35.80
C HIS H 64 6.98 25.17 -34.84
N MET H 65 7.39 23.94 -34.58
CA MET H 65 6.73 23.09 -33.58
C MET H 65 7.80 22.49 -32.68
N VAL H 66 7.57 22.55 -31.36
CA VAL H 66 8.39 21.80 -30.41
C VAL H 66 7.54 20.55 -30.12
N LEU H 67 8.16 19.39 -30.39
CA LEU H 67 7.46 18.13 -30.25
C LEU H 67 8.14 17.28 -29.20
N LEU H 68 7.34 16.82 -28.25
CA LEU H 68 7.77 15.83 -27.27
CA LEU H 68 7.79 15.84 -27.30
C LEU H 68 7.00 14.54 -27.51
N GLU H 69 7.69 13.42 -27.59
CA GLU H 69 6.92 12.16 -27.64
C GLU H 69 7.40 11.23 -26.58
N PHE H 70 6.50 10.44 -26.04
CA PHE H 70 6.81 9.37 -25.11
C PHE H 70 6.24 8.11 -25.72
N VAL H 71 7.08 7.09 -25.81
CA VAL H 71 6.77 5.87 -26.54
C VAL H 71 7.31 4.64 -25.80
N THR H 72 6.43 3.70 -25.52
CA THR H 72 6.82 2.49 -24.81
C THR H 72 6.16 1.29 -25.51
N ALA H 73 6.90 0.24 -25.79
CA ALA H 73 6.30 -0.93 -26.44
C ALA H 73 5.49 -1.72 -25.40
N ALA H 74 4.44 -2.41 -25.86
CA ALA H 74 3.56 -3.22 -25.02
C ALA H 74 2.72 -4.18 -25.88
N GLY H 75 1.76 -4.88 -25.23
CA GLY H 75 0.76 -5.72 -25.93
C GLY H 75 1.20 -7.16 -26.11
N ILE H 76 2.14 -7.59 -25.26
CA ILE H 76 2.58 -9.00 -25.15
C ILE H 76 2.55 -9.51 -23.68
#